data_4MW9
#
_entry.id   4MW9
#
_cell.length_a   88.026
_cell.length_b   105.902
_cell.length_c   207.016
_cell.angle_alpha   90.000
_cell.angle_beta   90.000
_cell.angle_gamma   90.000
#
_symmetry.space_group_name_H-M   'P 21 21 21'
#
loop_
_entity.id
_entity.type
_entity.pdbx_description
1 polymer 'Methionyl-tRNA synthetase'
2 non-polymer GLYCEROL
3 non-polymer 'DIMETHYL SULFOXIDE'
4 non-polymer 'SULFATE ION'
5 non-polymer METHIONINE
6 non-polymer 1-{3-[(3-ethynylbenzyl)amino]propyl}-3-thiophen-3-ylurea
7 water water
#
_entity_poly.entity_id   1
_entity_poly.type   'polypeptide(L)'
_entity_poly.pdbx_seq_one_letter_code
;GPGSMKVEKVFFVTSPIYYVNAAPHIGHVYSTLITDVIGRYHRVKGERVFALTGTDEHGQKVAEAAKQKQVSPYDFTTAV
AGEFKKCFEQMDYSIDYFIRTTNEQHKAVVKELWTKLEQKGDIYLGRYEGWYSISDESFLTPQNITDGVDKDGNPCKVSL
ESGHVVTWVSEENYMFRLSAFRERLLEWYHANPGCIVPEFRRREVIRAVEKGLPDLSVSRARATLHNWAIPVPGNPDHCV
YVWLDALTNYLTGSRLRVDESGKEVSLVDDFNELERFPADVHVIGKDILKFHAIYWPAFLLSAGLPLPKKIVAHGWWTKD
RKKISKSLGNVFDPVEKAEEFGYDALKYFLLRESGFSDDGDYSDKNMIARLNGELADTLGNLVMRCTSAKINVNGEWPSP
AAYTEEDESLIQLIKDLPGTADHYYLIPDIQKAIIAVFDVLRAINAYVTDMAPWKLVKTDPERLRTVLYITLEGVRVTTL
LLSPILPRKSVVIFDMLGVPEVHRKGIENFEFGAVPPGTRLGPAVEGEVLFSKRSTENTKST
;
_entity_poly.pdbx_strand_id   A,B
#
loop_
_chem_comp.id
_chem_comp.type
_chem_comp.name
_chem_comp.formula
2EJ non-polymer 1-{3-[(3-ethynylbenzyl)amino]propyl}-3-thiophen-3-ylurea 'C17 H19 N3 O S'
DMS non-polymer 'DIMETHYL SULFOXIDE' 'C2 H6 O S'
GOL non-polymer GLYCEROL 'C3 H8 O3'
SO4 non-polymer 'SULFATE ION' 'O4 S -2'
#
# COMPACT_ATOMS: atom_id res chain seq x y z
N VAL A 7 -13.00 -25.34 15.46
CA VAL A 7 -12.56 -26.77 15.44
C VAL A 7 -11.09 -26.84 14.99
N GLU A 8 -10.28 -27.57 15.77
CA GLU A 8 -8.85 -27.76 15.48
C GLU A 8 -8.66 -29.07 14.73
N LYS A 9 -8.20 -28.99 13.50
CA LYS A 9 -8.03 -30.16 12.65
C LYS A 9 -6.74 -30.03 11.83
N VAL A 10 -6.46 -31.00 10.98
CA VAL A 10 -5.33 -30.88 10.07
C VAL A 10 -5.82 -30.05 8.91
N PHE A 11 -5.08 -28.99 8.58
CA PHE A 11 -5.42 -28.17 7.44
C PHE A 11 -5.18 -29.02 6.19
N PHE A 12 -6.23 -29.20 5.40
CA PHE A 12 -6.21 -30.12 4.28
C PHE A 12 -6.34 -29.36 2.96
N VAL A 13 -5.28 -29.38 2.18
CA VAL A 13 -5.26 -28.68 0.92
C VAL A 13 -4.90 -29.66 -0.21
N THR A 14 -5.56 -29.52 -1.36
CA THR A 14 -5.43 -30.48 -2.46
C THR A 14 -5.27 -29.81 -3.80
N SER A 15 -4.57 -30.49 -4.69
CA SER A 15 -4.55 -30.14 -6.10
C SER A 15 -5.50 -31.11 -6.78
N PRO A 16 -5.81 -30.88 -8.06
CA PRO A 16 -6.47 -31.90 -8.82
C PRO A 16 -5.52 -33.07 -9.01
N ILE A 17 -6.08 -34.25 -9.26
CA ILE A 17 -5.29 -35.39 -9.71
C ILE A 17 -5.37 -35.37 -11.23
N TYR A 18 -4.22 -35.45 -11.89
CA TYR A 18 -4.13 -35.12 -13.32
C TYR A 18 -4.24 -36.36 -14.21
N TYR A 19 -4.90 -36.24 -15.36
CA TYR A 19 -4.92 -37.34 -16.35
C TYR A 19 -3.50 -37.66 -16.77
N VAL A 20 -3.22 -38.94 -16.96
CA VAL A 20 -1.86 -39.38 -17.35
C VAL A 20 -1.78 -39.80 -18.82
N ASN A 21 -2.70 -39.29 -19.63
CA ASN A 21 -2.66 -39.46 -21.09
C ASN A 21 -1.40 -38.91 -21.77
N ALA A 22 -0.66 -38.05 -21.06
CA ALA A 22 0.47 -37.34 -21.63
C ALA A 22 1.36 -36.76 -20.54
N ALA A 23 2.54 -36.33 -20.96
CA ALA A 23 3.58 -35.89 -20.03
C ALA A 23 3.13 -34.65 -19.30
N PRO A 24 3.65 -34.45 -18.07
CA PRO A 24 3.30 -33.29 -17.28
C PRO A 24 3.75 -32.00 -17.94
N HIS A 25 2.97 -30.94 -17.77
CA HIS A 25 3.26 -29.64 -18.36
C HIS A 25 2.98 -28.48 -17.36
N ILE A 26 3.04 -27.26 -17.85
CA ILE A 26 2.93 -26.07 -17.02
C ILE A 26 1.65 -26.03 -16.15
N GLY A 27 0.51 -26.38 -16.73
CA GLY A 27 -0.75 -26.35 -15.98
C GLY A 27 -0.73 -27.18 -14.71
N HIS A 28 -0.16 -28.38 -14.79
CA HIS A 28 -0.14 -29.28 -13.64
C HIS A 28 0.82 -28.74 -12.60
N VAL A 29 1.96 -28.27 -13.07
CA VAL A 29 2.98 -27.67 -12.23
C VAL A 29 2.42 -26.45 -11.48
N TYR A 30 1.64 -25.64 -12.20
CA TYR A 30 1.02 -24.46 -11.63
C TYR A 30 0.00 -24.81 -10.57
N SER A 31 -0.91 -25.73 -10.89
CA SER A 31 -1.97 -26.11 -9.94
C SER A 31 -1.38 -26.64 -8.66
N THR A 32 -0.35 -27.45 -8.81
CA THR A 32 0.28 -28.08 -7.66
C THR A 32 1.09 -27.04 -6.88
N LEU A 33 1.71 -26.11 -7.60
CA LEU A 33 2.43 -25.03 -6.94
C LEU A 33 1.53 -24.24 -5.99
N ILE A 34 0.32 -23.91 -6.45
CA ILE A 34 -0.65 -23.19 -5.65
C ILE A 34 -1.01 -23.99 -4.42
N THR A 35 -1.33 -25.27 -4.61
CA THR A 35 -1.54 -26.19 -3.48
C THR A 35 -0.37 -26.19 -2.49
N ASP A 36 0.83 -26.26 -3.02
CA ASP A 36 2.06 -26.32 -2.20
C ASP A 36 2.24 -25.06 -1.36
N VAL A 37 1.93 -23.92 -1.95
CA VAL A 37 2.15 -22.63 -1.30
C VAL A 37 1.19 -22.46 -0.14
N ILE A 38 -0.07 -22.77 -0.40
CA ILE A 38 -1.09 -22.65 0.63
C ILE A 38 -0.68 -23.54 1.81
N GLY A 39 -0.26 -24.76 1.52
CA GLY A 39 0.14 -25.67 2.56
C GLY A 39 1.35 -25.13 3.29
N ARG A 40 2.33 -24.63 2.54
CA ARG A 40 3.56 -24.11 3.15
C ARG A 40 3.25 -22.93 4.08
N TYR A 41 2.33 -22.07 3.69
CA TYR A 41 1.94 -20.94 4.55
C TYR A 41 1.36 -21.38 5.89
N HIS A 42 0.46 -22.36 5.85
CA HIS A 42 -0.13 -22.85 7.08
C HIS A 42 0.86 -23.60 7.97
N ARG A 43 1.87 -24.21 7.36
CA ARG A 43 2.93 -24.80 8.15
C ARG A 43 3.75 -23.72 8.85
N VAL A 44 3.95 -22.54 8.24
CA VAL A 44 4.75 -21.51 8.91
C VAL A 44 3.96 -20.85 10.04
N LYS A 45 2.63 -20.85 9.95
CA LYS A 45 1.79 -20.48 11.08
C LYS A 45 1.80 -21.54 12.18
N GLY A 46 2.50 -22.65 11.95
CA GLY A 46 2.60 -23.72 12.92
C GLY A 46 1.39 -24.64 13.00
N GLU A 47 0.57 -24.68 11.95
CA GLU A 47 -0.59 -25.58 11.90
C GLU A 47 -0.19 -26.96 11.37
N ARG A 48 -0.99 -27.98 11.65
CA ARG A 48 -0.80 -29.27 10.99
C ARG A 48 -1.37 -29.19 9.58
N VAL A 49 -0.63 -29.72 8.61
CA VAL A 49 -1.04 -29.63 7.23
C VAL A 49 -0.93 -30.99 6.58
N PHE A 50 -1.89 -31.27 5.69
CA PHE A 50 -1.78 -32.39 4.79
C PHE A 50 -2.07 -31.90 3.39
N ALA A 51 -1.04 -31.81 2.55
CA ALA A 51 -1.21 -31.40 1.17
C ALA A 51 -1.16 -32.60 0.24
N LEU A 52 -2.12 -32.65 -0.68
CA LEU A 52 -2.34 -33.81 -1.54
C LEU A 52 -2.24 -33.45 -3.02
N THR A 53 -1.59 -34.30 -3.80
CA THR A 53 -1.65 -34.25 -5.25
C THR A 53 -1.71 -35.67 -5.84
N GLY A 54 -1.71 -35.79 -7.17
CA GLY A 54 -1.71 -37.10 -7.78
C GLY A 54 -2.19 -37.22 -9.21
N THR A 55 -2.52 -38.45 -9.59
CA THR A 55 -2.84 -38.76 -10.96
C THR A 55 -4.15 -39.51 -11.04
N ASP A 56 -4.87 -39.22 -12.12
CA ASP A 56 -6.20 -39.72 -12.44
C ASP A 56 -5.97 -40.72 -13.55
N GLU A 57 -6.08 -42.00 -13.26
CA GLU A 57 -5.45 -43.00 -14.13
C GLU A 57 -6.39 -43.90 -14.93
N HIS A 58 -7.66 -43.94 -14.55
CA HIS A 58 -8.64 -44.71 -15.30
C HIS A 58 -9.26 -43.90 -16.42
N GLY A 59 -10.16 -44.56 -17.15
CA GLY A 59 -10.98 -43.89 -18.13
C GLY A 59 -10.63 -44.19 -19.58
N GLN A 60 -11.57 -43.82 -20.43
CA GLN A 60 -11.46 -44.00 -21.87
C GLN A 60 -10.31 -43.18 -22.44
N LYS A 61 -10.23 -41.92 -22.01
CA LYS A 61 -9.17 -41.01 -22.43
C LYS A 61 -7.82 -41.69 -22.30
N VAL A 62 -7.50 -42.08 -21.07
CA VAL A 62 -6.19 -42.64 -20.73
C VAL A 62 -5.99 -44.00 -21.38
N ALA A 63 -7.01 -44.85 -21.33
CA ALA A 63 -6.96 -46.16 -21.99
C ALA A 63 -6.65 -46.01 -23.48
N GLU A 64 -7.29 -45.05 -24.13
CA GLU A 64 -7.09 -44.81 -25.55
C GLU A 64 -5.74 -44.17 -25.85
N ALA A 65 -5.25 -43.31 -24.97
CA ALA A 65 -3.90 -42.78 -25.12
C ALA A 65 -2.82 -43.89 -25.03
N ALA A 66 -3.10 -44.92 -24.24
CA ALA A 66 -2.19 -46.05 -24.04
C ALA A 66 -2.24 -47.00 -25.21
N LYS A 67 -3.37 -47.06 -25.90
CA LYS A 67 -3.48 -47.90 -27.09
C LYS A 67 -2.72 -47.26 -28.25
N GLN A 68 -2.71 -45.92 -28.31
CA GLN A 68 -1.99 -45.20 -29.37
C GLN A 68 -0.48 -45.29 -29.19
N LYS A 69 -0.04 -45.46 -27.95
CA LYS A 69 1.38 -45.67 -27.64
C LYS A 69 1.72 -47.18 -27.71
N GLN A 70 0.72 -48.01 -28.00
CA GLN A 70 0.88 -49.45 -28.20
C GLN A 70 1.52 -50.17 -27.00
N VAL A 71 0.92 -50.00 -25.82
CA VAL A 71 1.35 -50.73 -24.62
C VAL A 71 0.18 -50.83 -23.62
N SER A 72 0.31 -51.69 -22.61
CA SER A 72 -0.81 -51.96 -21.69
C SER A 72 -1.09 -50.76 -20.80
N PRO A 73 -2.36 -50.60 -20.38
CA PRO A 73 -2.72 -49.49 -19.52
C PRO A 73 -1.95 -49.50 -18.20
N TYR A 74 -1.73 -50.67 -17.62
CA TYR A 74 -0.97 -50.78 -16.37
C TYR A 74 0.41 -50.18 -16.57
N ASP A 75 1.08 -50.58 -17.64
CA ASP A 75 2.45 -50.08 -17.92
C ASP A 75 2.49 -48.59 -18.27
N PHE A 76 1.51 -48.14 -19.04
CA PHE A 76 1.45 -46.77 -19.49
C PHE A 76 1.22 -45.82 -18.32
N THR A 77 0.18 -46.11 -17.52
CA THR A 77 -0.15 -45.30 -16.36
C THR A 77 1.03 -45.24 -15.41
N THR A 78 1.67 -46.38 -15.12
CA THR A 78 2.79 -46.43 -14.17
C THR A 78 3.97 -45.57 -14.64
N ALA A 79 4.24 -45.60 -15.94
CA ALA A 79 5.31 -44.80 -16.53
C ALA A 79 5.00 -43.31 -16.39
N VAL A 80 3.83 -42.89 -16.85
CA VAL A 80 3.51 -41.46 -16.87
C VAL A 80 3.36 -40.93 -15.46
N ALA A 81 2.78 -41.73 -14.58
CA ALA A 81 2.75 -41.40 -13.16
C ALA A 81 4.15 -41.12 -12.62
N GLY A 82 5.11 -41.94 -13.04
CA GLY A 82 6.50 -41.77 -12.67
C GLY A 82 7.10 -40.47 -13.18
N GLU A 83 6.64 -40.01 -14.33
CA GLU A 83 7.05 -38.72 -14.89
C GLU A 83 6.46 -37.54 -14.11
N PHE A 84 5.21 -37.68 -13.66
CA PHE A 84 4.60 -36.69 -12.79
C PHE A 84 5.32 -36.60 -11.46
N LYS A 85 5.62 -37.74 -10.84
CA LYS A 85 6.39 -37.76 -9.58
C LYS A 85 7.76 -37.11 -9.71
N LYS A 86 8.49 -37.48 -10.76
CA LYS A 86 9.80 -36.93 -10.99
C LYS A 86 9.75 -35.41 -11.23
N CYS A 87 8.75 -34.97 -11.98
CA CYS A 87 8.54 -33.55 -12.22
C CYS A 87 8.28 -32.80 -10.90
N PHE A 88 7.37 -33.32 -10.07
CA PHE A 88 7.06 -32.67 -8.81
C PHE A 88 8.20 -32.75 -7.78
N GLU A 89 8.99 -33.83 -7.80
CA GLU A 89 10.21 -33.88 -6.99
C GLU A 89 11.19 -32.83 -7.50
N GLN A 90 11.34 -32.75 -8.82
CA GLN A 90 12.26 -31.79 -9.40
C GLN A 90 11.87 -30.34 -9.06
N MET A 91 10.57 -30.09 -8.98
CA MET A 91 10.06 -28.74 -8.71
C MET A 91 10.22 -28.34 -7.26
N ASP A 92 10.60 -29.27 -6.39
CA ASP A 92 10.94 -28.93 -5.02
C ASP A 92 9.72 -28.45 -4.23
N TYR A 93 8.61 -29.18 -4.37
CA TYR A 93 7.42 -28.94 -3.56
C TYR A 93 7.57 -29.62 -2.22
N SER A 94 6.63 -29.38 -1.33
CA SER A 94 6.51 -30.10 -0.08
C SER A 94 5.09 -30.70 0.02
N ILE A 95 4.77 -31.57 -0.92
CA ILE A 95 3.51 -32.28 -0.91
C ILE A 95 3.62 -33.49 0.03
N ASP A 96 2.61 -33.72 0.83
CA ASP A 96 2.65 -34.82 1.80
C ASP A 96 2.33 -36.18 1.19
N TYR A 97 1.53 -36.23 0.14
CA TYR A 97 1.23 -37.51 -0.48
C TYR A 97 0.83 -37.36 -1.93
N PHE A 98 1.23 -38.35 -2.73
CA PHE A 98 0.93 -38.42 -4.14
C PHE A 98 0.00 -39.63 -4.33
N ILE A 99 -1.25 -39.40 -4.72
CA ILE A 99 -2.21 -40.50 -4.83
C ILE A 99 -2.43 -40.87 -6.29
N ARG A 100 -2.58 -42.16 -6.51
CA ARG A 100 -2.89 -42.73 -7.80
C ARG A 100 -4.22 -43.46 -7.72
N THR A 101 -5.12 -43.21 -8.67
CA THR A 101 -6.42 -43.87 -8.62
C THR A 101 -6.35 -45.38 -8.87
N THR A 102 -5.25 -45.86 -9.47
CA THR A 102 -5.01 -47.31 -9.58
C THR A 102 -4.76 -47.97 -8.23
N ASN A 103 -4.44 -47.17 -7.22
CA ASN A 103 -4.22 -47.68 -5.87
C ASN A 103 -5.41 -48.50 -5.36
N GLU A 104 -5.09 -49.65 -4.81
CA GLU A 104 -6.08 -50.63 -4.39
C GLU A 104 -6.93 -50.10 -3.22
N GLN A 105 -6.33 -49.30 -2.35
CA GLN A 105 -7.08 -48.72 -1.22
C GLN A 105 -8.05 -47.65 -1.73
N HIS A 106 -7.63 -46.89 -2.73
CA HIS A 106 -8.55 -45.94 -3.36
C HIS A 106 -9.75 -46.65 -3.97
N LYS A 107 -9.52 -47.78 -4.64
CA LYS A 107 -10.61 -48.50 -5.27
C LYS A 107 -11.64 -48.89 -4.21
N ALA A 108 -11.16 -49.31 -3.05
CA ALA A 108 -12.03 -49.71 -1.95
C ALA A 108 -12.93 -48.57 -1.49
N VAL A 109 -12.32 -47.40 -1.32
CA VAL A 109 -13.03 -46.19 -0.90
C VAL A 109 -14.14 -45.82 -1.90
N VAL A 110 -13.83 -45.91 -3.20
CA VAL A 110 -14.84 -45.66 -4.23
C VAL A 110 -16.06 -46.58 -4.07
N LYS A 111 -15.82 -47.87 -3.83
CA LYS A 111 -16.92 -48.81 -3.64
C LYS A 111 -17.75 -48.52 -2.40
N GLU A 112 -17.12 -48.02 -1.34
CA GLU A 112 -17.87 -47.62 -0.15
C GLU A 112 -18.76 -46.45 -0.49
N LEU A 113 -18.18 -45.45 -1.15
CA LEU A 113 -18.93 -44.26 -1.49
C LEU A 113 -20.07 -44.62 -2.42
N TRP A 114 -19.78 -45.39 -3.45
CA TRP A 114 -20.82 -45.83 -4.37
C TRP A 114 -21.99 -46.46 -3.62
N THR A 115 -21.68 -47.41 -2.75
CA THR A 115 -22.69 -48.15 -1.99
C THR A 115 -23.49 -47.21 -1.10
N LYS A 116 -22.82 -46.22 -0.54
CA LYS A 116 -23.50 -45.23 0.28
C LYS A 116 -24.54 -44.49 -0.57
N LEU A 117 -24.15 -44.05 -1.75
CA LEU A 117 -25.07 -43.33 -2.63
C LEU A 117 -26.24 -44.22 -3.04
N GLU A 118 -25.96 -45.49 -3.31
CA GLU A 118 -26.99 -46.46 -3.66
C GLU A 118 -27.96 -46.64 -2.51
N GLN A 119 -27.44 -46.93 -1.32
CA GLN A 119 -28.29 -47.18 -0.14
C GLN A 119 -29.12 -45.97 0.25
N LYS A 120 -28.66 -44.79 -0.14
CA LYS A 120 -29.37 -43.56 0.10
C LYS A 120 -30.54 -43.38 -0.88
N GLY A 121 -30.61 -44.22 -1.90
CA GLY A 121 -31.67 -44.15 -2.91
C GLY A 121 -31.34 -43.16 -4.00
N ASP A 122 -30.09 -42.73 -4.08
CA ASP A 122 -29.69 -41.67 -5.02
C ASP A 122 -29.08 -42.18 -6.32
N ILE A 123 -29.07 -43.51 -6.50
CA ILE A 123 -28.63 -44.10 -7.76
C ILE A 123 -29.67 -45.07 -8.38
N TYR A 124 -30.06 -44.83 -9.63
CA TYR A 124 -31.00 -45.73 -10.32
C TYR A 124 -30.49 -46.07 -11.72
N LEU A 125 -31.06 -47.11 -12.30
CA LEU A 125 -30.67 -47.54 -13.63
C LEU A 125 -31.49 -46.75 -14.61
N GLY A 126 -30.82 -46.01 -15.50
CA GLY A 126 -31.48 -45.27 -16.58
C GLY A 126 -30.68 -45.32 -17.87
N ARG A 127 -30.84 -44.28 -18.69
CA ARG A 127 -30.05 -44.08 -19.92
C ARG A 127 -29.50 -42.67 -20.01
N TYR A 128 -28.31 -42.54 -20.60
CA TYR A 128 -27.86 -41.25 -21.09
C TYR A 128 -27.82 -41.29 -22.63
N GLU A 129 -28.60 -40.42 -23.25
CA GLU A 129 -28.58 -40.22 -24.70
C GLU A 129 -28.15 -38.78 -24.97
N GLY A 130 -26.89 -38.59 -25.28
CA GLY A 130 -26.40 -37.24 -25.51
C GLY A 130 -24.94 -37.18 -25.87
N TRP A 131 -24.42 -35.95 -25.88
CA TRP A 131 -23.04 -35.71 -26.26
C TRP A 131 -22.08 -35.94 -25.10
N TYR A 132 -20.86 -36.31 -25.46
CA TYR A 132 -19.81 -36.56 -24.50
C TYR A 132 -18.45 -36.19 -25.08
N SER A 133 -17.62 -35.52 -24.28
CA SER A 133 -16.24 -35.23 -24.65
C SER A 133 -15.38 -36.22 -23.92
N ILE A 134 -14.78 -37.13 -24.68
CA ILE A 134 -13.91 -38.12 -24.11
C ILE A 134 -12.68 -37.45 -23.52
N SER A 135 -12.15 -36.46 -24.23
CA SER A 135 -10.99 -35.73 -23.76
C SER A 135 -11.20 -35.04 -22.41
N ASP A 136 -12.40 -34.50 -22.17
CA ASP A 136 -12.71 -33.87 -20.89
C ASP A 136 -13.49 -34.79 -19.93
N GLU A 137 -13.78 -36.01 -20.40
CA GLU A 137 -14.62 -36.98 -19.70
C GLU A 137 -15.90 -36.32 -19.19
N SER A 138 -16.52 -35.54 -20.06
CA SER A 138 -17.58 -34.61 -19.67
C SER A 138 -18.84 -34.80 -20.50
N PHE A 139 -19.97 -34.84 -19.84
CA PHE A 139 -21.28 -34.81 -20.48
C PHE A 139 -21.62 -33.40 -20.86
N LEU A 140 -22.07 -33.21 -22.09
CA LEU A 140 -22.41 -31.90 -22.60
C LEU A 140 -23.83 -31.88 -23.16
N THR A 141 -24.45 -30.71 -23.10
CA THR A 141 -25.77 -30.49 -23.68
C THR A 141 -25.55 -29.91 -25.08
N PRO A 142 -26.59 -29.96 -25.95
CA PRO A 142 -26.42 -29.41 -27.31
C PRO A 142 -25.97 -27.93 -27.32
N GLN A 143 -26.46 -27.15 -26.38
CA GLN A 143 -26.07 -25.74 -26.22
C GLN A 143 -24.56 -25.56 -26.06
N ASN A 144 -23.87 -26.58 -25.54
CA ASN A 144 -22.42 -26.51 -25.31
C ASN A 144 -21.55 -27.21 -26.35
N ILE A 145 -22.08 -27.40 -27.56
CA ILE A 145 -21.29 -27.96 -28.65
C ILE A 145 -21.48 -27.12 -29.91
N THR A 146 -20.60 -27.34 -30.87
CA THR A 146 -20.62 -26.59 -32.12
C THR A 146 -19.81 -27.32 -33.18
N ASP A 147 -19.77 -26.75 -34.38
CA ASP A 147 -19.09 -27.38 -35.50
C ASP A 147 -17.59 -27.13 -35.47
N GLY A 148 -16.82 -28.15 -35.81
CA GLY A 148 -15.37 -28.04 -35.91
C GLY A 148 -14.76 -29.15 -36.76
N VAL A 149 -13.45 -29.34 -36.62
CA VAL A 149 -12.72 -30.36 -37.39
C VAL A 149 -11.89 -31.31 -36.52
N ASP A 150 -11.70 -32.52 -37.03
CA ASP A 150 -11.10 -33.63 -36.27
C ASP A 150 -9.63 -33.86 -36.65
N LYS A 151 -9.05 -34.97 -36.17
CA LYS A 151 -7.70 -35.41 -36.57
C LYS A 151 -7.48 -35.42 -38.09
N ASP A 152 -8.55 -35.54 -38.87
CA ASP A 152 -8.51 -35.51 -40.35
C ASP A 152 -8.67 -34.11 -40.96
N GLY A 153 -9.56 -33.30 -40.38
CA GLY A 153 -10.08 -32.11 -41.03
C GLY A 153 -11.41 -32.40 -41.71
N ASN A 154 -12.29 -33.11 -41.00
CA ASN A 154 -13.62 -33.44 -41.48
C ASN A 154 -14.67 -32.83 -40.57
N PRO A 155 -15.90 -32.61 -41.09
CA PRO A 155 -16.88 -31.92 -40.28
C PRO A 155 -17.35 -32.79 -39.12
N CYS A 156 -16.88 -32.47 -37.92
CA CYS A 156 -17.31 -33.14 -36.70
C CYS A 156 -17.97 -32.12 -35.78
N LYS A 157 -18.34 -32.55 -34.57
CA LYS A 157 -18.76 -31.63 -33.52
C LYS A 157 -17.67 -31.53 -32.48
N VAL A 158 -17.64 -30.40 -31.79
CA VAL A 158 -16.66 -30.16 -30.73
C VAL A 158 -17.27 -29.42 -29.54
N SER A 159 -16.57 -29.47 -28.41
CA SER A 159 -16.99 -28.80 -27.20
C SER A 159 -16.78 -27.29 -27.32
N LEU A 160 -17.77 -26.51 -26.89
CA LEU A 160 -17.60 -25.05 -26.79
C LEU A 160 -16.63 -24.71 -25.67
N GLU A 161 -16.65 -25.50 -24.59
CA GLU A 161 -15.72 -25.33 -23.48
C GLU A 161 -14.26 -25.47 -23.90
N SER A 162 -13.92 -26.51 -24.65
CA SER A 162 -12.51 -26.85 -24.87
C SER A 162 -12.11 -27.15 -26.30
N GLY A 163 -13.06 -27.19 -27.23
CA GLY A 163 -12.73 -27.46 -28.63
C GLY A 163 -12.36 -28.91 -28.97
N HIS A 164 -12.45 -29.80 -27.98
CA HIS A 164 -12.17 -31.22 -28.23
C HIS A 164 -13.35 -31.87 -28.92
N VAL A 165 -13.06 -32.98 -29.60
CA VAL A 165 -14.10 -33.71 -30.32
C VAL A 165 -15.14 -34.32 -29.38
N VAL A 166 -16.41 -34.19 -29.76
CA VAL A 166 -17.49 -34.83 -29.01
C VAL A 166 -18.14 -35.96 -29.82
N THR A 167 -18.64 -36.95 -29.09
CA THR A 167 -19.30 -38.08 -29.68
C THR A 167 -20.66 -38.25 -29.03
N TRP A 168 -21.62 -38.76 -29.80
CA TRP A 168 -22.93 -39.06 -29.25
C TRP A 168 -22.84 -40.42 -28.54
N VAL A 169 -23.45 -40.50 -27.36
CA VAL A 169 -23.47 -41.71 -26.54
C VAL A 169 -24.90 -42.10 -26.24
N SER A 170 -25.24 -43.38 -26.43
CA SER A 170 -26.59 -43.87 -26.09
C SER A 170 -26.44 -45.18 -25.32
N GLU A 171 -26.44 -45.09 -24.01
CA GLU A 171 -26.15 -46.25 -23.16
C GLU A 171 -27.08 -46.33 -21.99
N GLU A 172 -27.41 -47.56 -21.60
CA GLU A 172 -27.98 -47.82 -20.28
C GLU A 172 -26.90 -47.57 -19.22
N ASN A 173 -27.12 -46.59 -18.35
CA ASN A 173 -26.15 -46.20 -17.33
C ASN A 173 -26.83 -46.10 -15.98
N TYR A 174 -26.08 -46.34 -14.90
CA TYR A 174 -26.53 -45.98 -13.57
C TYR A 174 -26.52 -44.45 -13.49
N MET A 175 -27.59 -43.88 -12.94
CA MET A 175 -27.74 -42.42 -12.86
C MET A 175 -27.74 -41.96 -11.41
N PHE A 176 -27.01 -40.88 -11.12
CA PHE A 176 -27.08 -40.22 -9.81
C PHE A 176 -28.16 -39.15 -9.90
N ARG A 177 -28.94 -39.00 -8.83
CA ARG A 177 -30.08 -38.06 -8.82
C ARG A 177 -29.69 -36.61 -8.53
N LEU A 178 -28.85 -36.04 -9.38
CA LEU A 178 -28.35 -34.70 -9.16
C LEU A 178 -29.48 -33.69 -9.10
N SER A 179 -30.50 -33.89 -9.91
CA SER A 179 -31.64 -32.98 -9.99
C SER A 179 -32.23 -32.68 -8.61
N ALA A 180 -32.15 -33.66 -7.70
CA ALA A 180 -32.73 -33.55 -6.36
C ALA A 180 -31.91 -32.70 -5.38
N PHE A 181 -30.73 -32.24 -5.80
CA PHE A 181 -29.81 -31.53 -4.93
C PHE A 181 -29.68 -30.08 -5.32
N ARG A 182 -30.53 -29.61 -6.23
CA ARG A 182 -30.48 -28.21 -6.65
C ARG A 182 -30.66 -27.27 -5.44
N GLU A 183 -31.73 -27.47 -4.70
CA GLU A 183 -32.06 -26.60 -3.56
C GLU A 183 -30.99 -26.60 -2.46
N ARG A 184 -30.40 -27.74 -2.18
CA ARG A 184 -29.40 -27.83 -1.10
C ARG A 184 -28.07 -27.22 -1.51
N LEU A 185 -27.69 -27.43 -2.77
CA LEU A 185 -26.51 -26.79 -3.31
C LEU A 185 -26.66 -25.27 -3.28
N LEU A 186 -27.84 -24.76 -3.62
CA LEU A 186 -28.10 -23.32 -3.58
C LEU A 186 -27.99 -22.74 -2.15
N GLU A 187 -28.58 -23.42 -1.17
CA GLU A 187 -28.45 -23.03 0.24
C GLU A 187 -26.98 -23.00 0.63
N TRP A 188 -26.21 -23.99 0.16
CA TRP A 188 -24.78 -24.07 0.48
C TRP A 188 -23.99 -22.88 -0.09
N TYR A 189 -24.24 -22.53 -1.35
CA TYR A 189 -23.52 -21.42 -1.96
C TYR A 189 -23.84 -20.11 -1.22
N HIS A 190 -25.10 -19.94 -0.81
CA HIS A 190 -25.54 -18.71 -0.17
C HIS A 190 -25.11 -18.64 1.27
N ALA A 191 -25.13 -19.77 1.96
CA ALA A 191 -24.72 -19.82 3.35
C ALA A 191 -23.23 -19.56 3.49
N ASN A 192 -22.46 -19.90 2.45
CA ASN A 192 -21.01 -19.77 2.49
C ASN A 192 -20.52 -18.99 1.28
N PRO A 193 -20.72 -17.67 1.31
CA PRO A 193 -20.45 -16.84 0.14
C PRO A 193 -18.97 -16.69 -0.23
N GLY A 194 -18.06 -17.23 0.58
CA GLY A 194 -16.65 -17.35 0.20
C GLY A 194 -16.22 -18.77 -0.15
N CYS A 195 -17.17 -19.70 -0.33
CA CYS A 195 -16.84 -21.10 -0.57
C CYS A 195 -16.25 -21.38 -1.95
N ILE A 196 -16.46 -20.47 -2.89
CA ILE A 196 -15.88 -20.58 -4.22
C ILE A 196 -15.21 -19.26 -4.58
N VAL A 197 -13.97 -19.33 -5.07
CA VAL A 197 -13.13 -18.18 -5.35
C VAL A 197 -12.53 -18.33 -6.74
N PRO A 198 -12.40 -17.23 -7.51
CA PRO A 198 -12.85 -15.88 -7.24
C PRO A 198 -14.33 -15.74 -7.37
N GLU A 199 -14.86 -14.65 -6.82
CA GLU A 199 -16.28 -14.41 -6.76
C GLU A 199 -17.03 -14.59 -8.09
N PHE A 200 -16.44 -14.18 -9.22
CA PHE A 200 -17.20 -14.28 -10.49
C PHE A 200 -17.43 -15.75 -10.89
N ARG A 201 -16.47 -16.61 -10.58
CA ARG A 201 -16.63 -18.06 -10.78
C ARG A 201 -17.69 -18.60 -9.86
N ARG A 202 -17.74 -18.12 -8.63
CA ARG A 202 -18.84 -18.46 -7.75
C ARG A 202 -20.19 -18.04 -8.31
N ARG A 203 -20.26 -16.85 -8.89
CA ARG A 203 -21.52 -16.40 -9.50
C ARG A 203 -21.91 -17.27 -10.69
N GLU A 204 -20.91 -17.73 -11.46
CA GLU A 204 -21.14 -18.66 -12.57
C GLU A 204 -21.83 -19.95 -12.11
N VAL A 205 -21.32 -20.54 -11.03
CA VAL A 205 -21.87 -21.78 -10.52
C VAL A 205 -23.33 -21.59 -10.11
N ILE A 206 -23.62 -20.53 -9.37
CA ILE A 206 -24.99 -20.29 -8.92
C ILE A 206 -25.93 -20.14 -10.10
N ARG A 207 -25.52 -19.33 -11.09
CA ARG A 207 -26.29 -19.14 -12.34
C ARG A 207 -26.69 -20.46 -12.97
N ALA A 208 -25.74 -21.38 -13.05
CA ALA A 208 -25.96 -22.65 -13.72
C ALA A 208 -26.91 -23.54 -12.94
N VAL A 209 -26.74 -23.58 -11.62
CA VAL A 209 -27.58 -24.40 -10.76
C VAL A 209 -28.97 -23.79 -10.63
N GLU A 210 -29.07 -22.47 -10.65
CA GLU A 210 -30.38 -21.81 -10.67
C GLU A 210 -31.24 -22.36 -11.81
N LYS A 211 -30.65 -22.49 -13.00
CA LYS A 211 -31.36 -22.92 -14.21
C LYS A 211 -31.99 -24.30 -14.12
N GLY A 212 -31.29 -25.22 -13.48
CA GLY A 212 -31.78 -26.58 -13.30
C GLY A 212 -30.64 -27.56 -13.41
N LEU A 213 -30.83 -28.74 -12.82
CA LEU A 213 -29.82 -29.79 -12.94
C LEU A 213 -30.47 -31.08 -13.40
N PRO A 214 -29.91 -31.70 -14.45
CA PRO A 214 -30.33 -33.03 -14.83
C PRO A 214 -29.55 -34.06 -14.02
N ASP A 215 -30.09 -35.28 -13.92
CA ASP A 215 -29.37 -36.36 -13.28
C ASP A 215 -28.13 -36.69 -14.09
N LEU A 216 -27.17 -37.31 -13.43
CA LEU A 216 -25.85 -37.47 -13.98
C LEU A 216 -25.52 -38.96 -14.08
N SER A 217 -25.00 -39.35 -15.23
CA SER A 217 -24.54 -40.70 -15.46
C SER A 217 -23.26 -40.92 -14.67
N VAL A 218 -23.27 -41.95 -13.81
CA VAL A 218 -22.14 -42.27 -12.95
C VAL A 218 -21.60 -43.69 -13.21
N SER A 219 -22.18 -44.39 -14.20
CA SER A 219 -21.57 -45.59 -14.79
C SER A 219 -21.59 -45.55 -16.30
N ARG A 220 -20.75 -46.40 -16.89
CA ARG A 220 -20.66 -46.59 -18.32
C ARG A 220 -20.52 -48.08 -18.60
N ALA A 221 -21.07 -48.55 -19.72
CA ALA A 221 -20.90 -49.92 -20.18
C ALA A 221 -19.42 -50.30 -20.21
N ARG A 222 -19.08 -51.48 -19.69
CA ARG A 222 -17.66 -51.86 -19.51
C ARG A 222 -16.81 -51.86 -20.80
N ALA A 223 -17.42 -52.24 -21.92
CA ALA A 223 -16.69 -52.31 -23.18
C ALA A 223 -16.21 -50.92 -23.64
N THR A 224 -17.06 -49.91 -23.49
CA THR A 224 -16.74 -48.53 -23.88
C THR A 224 -15.46 -48.02 -23.21
N LEU A 225 -15.22 -48.43 -21.96
CA LEU A 225 -14.03 -48.05 -21.19
C LEU A 225 -12.81 -48.95 -21.41
N HIS A 226 -12.90 -49.91 -22.33
CA HIS A 226 -11.85 -50.91 -22.53
C HIS A 226 -11.48 -51.54 -21.16
N ASN A 227 -12.52 -51.78 -20.35
CA ASN A 227 -12.38 -52.36 -19.01
C ASN A 227 -11.31 -51.73 -18.12
N TRP A 228 -11.06 -50.45 -18.33
CA TRP A 228 -10.02 -49.74 -17.59
C TRP A 228 -10.68 -48.73 -16.66
N ALA A 229 -11.26 -49.26 -15.60
CA ALA A 229 -12.03 -48.49 -14.66
C ALA A 229 -12.43 -49.37 -13.47
N ILE A 230 -13.13 -48.81 -12.50
CA ILE A 230 -13.53 -49.55 -11.32
C ILE A 230 -14.89 -50.20 -11.55
N PRO A 231 -14.99 -51.54 -11.42
CA PRO A 231 -16.29 -52.18 -11.58
C PRO A 231 -17.31 -51.63 -10.60
N VAL A 232 -18.52 -51.36 -11.07
CA VAL A 232 -19.63 -51.00 -10.22
C VAL A 232 -19.92 -52.17 -9.26
N PRO A 233 -20.01 -51.88 -7.96
CA PRO A 233 -20.35 -52.92 -6.98
C PRO A 233 -21.65 -53.63 -7.33
N GLY A 234 -21.59 -54.96 -7.39
CA GLY A 234 -22.74 -55.76 -7.72
C GLY A 234 -23.15 -55.75 -9.18
N ASN A 235 -22.42 -55.06 -10.04
CA ASN A 235 -22.74 -55.08 -11.46
C ASN A 235 -21.49 -54.95 -12.34
N PRO A 236 -20.88 -56.10 -12.67
CA PRO A 236 -19.64 -56.11 -13.44
C PRO A 236 -19.79 -55.74 -14.91
N ASP A 237 -21.01 -55.58 -15.43
CA ASP A 237 -21.20 -55.02 -16.78
C ASP A 237 -20.92 -53.51 -16.82
N HIS A 238 -20.92 -52.84 -15.68
CA HIS A 238 -20.70 -51.40 -15.64
C HIS A 238 -19.41 -51.03 -14.92
N CYS A 239 -18.77 -49.99 -15.41
CA CYS A 239 -17.62 -49.41 -14.75
C CYS A 239 -18.04 -48.04 -14.22
N VAL A 240 -17.52 -47.67 -13.05
CA VAL A 240 -17.83 -46.39 -12.41
C VAL A 240 -17.25 -45.20 -13.17
N TYR A 241 -18.06 -44.17 -13.33
CA TYR A 241 -17.66 -42.93 -13.99
C TYR A 241 -16.31 -42.46 -13.48
N VAL A 242 -15.37 -42.26 -14.38
CA VAL A 242 -14.03 -41.83 -14.03
C VAL A 242 -14.03 -40.61 -13.07
N TRP A 243 -15.01 -39.73 -13.18
CA TRP A 243 -15.05 -38.53 -12.34
C TRP A 243 -15.54 -38.78 -10.91
N LEU A 244 -16.45 -39.74 -10.75
CA LEU A 244 -16.87 -40.12 -9.42
C LEU A 244 -15.68 -40.81 -8.74
N ASP A 245 -15.01 -41.67 -9.48
CA ASP A 245 -13.76 -42.30 -9.07
C ASP A 245 -12.72 -41.22 -8.70
N ALA A 246 -12.47 -40.28 -9.61
CA ALA A 246 -11.44 -39.25 -9.41
C ALA A 246 -11.70 -38.34 -8.21
N LEU A 247 -12.89 -37.78 -8.11
CA LEU A 247 -13.21 -36.91 -6.98
C LEU A 247 -13.02 -37.62 -5.63
N THR A 248 -13.29 -38.91 -5.62
CA THR A 248 -13.14 -39.67 -4.41
C THR A 248 -11.69 -39.66 -3.88
N ASN A 249 -10.72 -39.32 -4.72
CA ASN A 249 -9.32 -39.28 -4.26
C ASN A 249 -9.13 -38.37 -3.04
N TYR A 250 -9.91 -37.30 -2.98
CA TYR A 250 -9.83 -36.39 -1.84
C TYR A 250 -10.22 -37.11 -0.53
N LEU A 251 -11.26 -37.93 -0.59
CA LEU A 251 -11.70 -38.72 0.57
C LEU A 251 -10.69 -39.79 0.91
N THR A 252 -10.21 -40.48 -0.13
CA THR A 252 -9.25 -41.53 0.06
C THR A 252 -8.01 -40.98 0.75
N GLY A 253 -7.46 -39.92 0.18
CA GLY A 253 -6.26 -39.30 0.73
C GLY A 253 -6.45 -38.87 2.16
N SER A 254 -7.67 -38.44 2.50
CA SER A 254 -7.97 -38.03 3.86
C SER A 254 -7.90 -39.21 4.84
N ARG A 255 -7.90 -40.44 4.31
CA ARG A 255 -7.92 -41.66 5.12
C ARG A 255 -6.65 -42.54 5.02
N LEU A 256 -5.59 -42.04 4.38
CA LEU A 256 -4.36 -42.80 4.28
C LEU A 256 -3.31 -42.33 5.28
N ARG A 257 -2.82 -43.28 6.07
CA ARG A 257 -1.61 -43.09 6.87
C ARG A 257 -0.38 -43.33 6.00
N VAL A 258 0.57 -42.40 6.08
CA VAL A 258 1.75 -42.39 5.21
C VAL A 258 3.03 -42.45 6.06
N ASP A 259 3.95 -43.36 5.73
CA ASP A 259 5.24 -43.44 6.45
C ASP A 259 6.16 -42.27 6.07
N GLU A 260 7.28 -42.15 6.78
CA GLU A 260 8.28 -41.09 6.54
C GLU A 260 8.77 -41.04 5.06
N SER A 261 8.86 -42.20 4.43
CA SER A 261 9.29 -42.33 3.03
C SER A 261 8.29 -41.82 1.97
N GLY A 262 7.01 -41.72 2.33
CA GLY A 262 5.98 -41.20 1.42
C GLY A 262 5.01 -42.24 0.89
N LYS A 263 5.25 -43.51 1.24
CA LYS A 263 4.38 -44.61 0.84
C LYS A 263 3.18 -44.74 1.78
N GLU A 264 2.02 -45.07 1.21
CA GLU A 264 0.81 -45.38 1.98
C GLU A 264 0.96 -46.73 2.68
N VAL A 265 0.59 -46.81 3.96
CA VAL A 265 0.68 -48.08 4.70
C VAL A 265 -0.66 -48.59 5.28
N SER A 266 -1.71 -47.78 5.24
CA SER A 266 -2.92 -48.12 5.97
C SER A 266 -4.08 -47.23 5.54
N LEU A 267 -5.29 -47.81 5.48
CA LEU A 267 -6.50 -47.06 5.16
C LEU A 267 -7.45 -47.18 6.32
N VAL A 268 -7.69 -46.07 7.02
CA VAL A 268 -8.62 -46.07 8.16
C VAL A 268 -10.07 -46.11 7.71
N ASP A 269 -10.95 -46.59 8.58
CA ASP A 269 -12.39 -46.74 8.27
C ASP A 269 -13.14 -45.43 8.24
N ASP A 270 -12.78 -44.54 9.16
CA ASP A 270 -13.52 -43.31 9.41
C ASP A 270 -12.57 -42.14 9.22
N PHE A 271 -12.88 -41.23 8.30
CA PHE A 271 -12.06 -40.01 8.08
C PHE A 271 -11.76 -39.21 9.37
N ASN A 272 -12.70 -39.14 10.31
CA ASN A 272 -12.45 -38.44 11.57
C ASN A 272 -11.18 -38.94 12.29
N GLU A 273 -10.70 -40.12 11.95
CA GLU A 273 -9.53 -40.67 12.59
C GLU A 273 -8.28 -39.83 12.29
N LEU A 274 -8.11 -39.40 11.04
CA LEU A 274 -6.94 -38.62 10.64
C LEU A 274 -7.16 -37.11 10.65
N GLU A 275 -8.41 -36.67 10.84
CA GLU A 275 -8.75 -35.25 11.06
C GLU A 275 -8.46 -34.34 9.87
N ARG A 276 -8.57 -34.87 8.65
CA ARG A 276 -8.29 -34.07 7.44
C ARG A 276 -9.54 -33.69 6.69
N PHE A 277 -10.45 -34.64 6.52
CA PHE A 277 -11.66 -34.39 5.74
C PHE A 277 -12.61 -33.48 6.52
N PRO A 278 -13.30 -32.56 5.82
CA PRO A 278 -13.25 -32.24 4.40
C PRO A 278 -12.12 -31.26 4.10
N ALA A 279 -11.79 -31.12 2.82
CA ALA A 279 -10.74 -30.20 2.37
C ALA A 279 -11.04 -28.78 2.75
N ASP A 280 -10.03 -28.13 3.29
CA ASP A 280 -10.10 -26.73 3.61
C ASP A 280 -10.00 -25.90 2.32
N VAL A 281 -9.17 -26.36 1.38
CA VAL A 281 -9.09 -25.75 0.05
C VAL A 281 -8.86 -26.80 -1.03
N HIS A 282 -9.76 -26.85 -2.01
CA HIS A 282 -9.47 -27.58 -3.23
C HIS A 282 -8.94 -26.57 -4.22
N VAL A 283 -7.67 -26.70 -4.60
CA VAL A 283 -7.13 -25.96 -5.73
C VAL A 283 -7.56 -26.67 -7.02
N ILE A 284 -8.09 -25.92 -7.98
CA ILE A 284 -8.44 -26.46 -9.31
C ILE A 284 -8.30 -25.42 -10.39
N GLY A 285 -8.30 -25.86 -11.65
CA GLY A 285 -8.41 -24.95 -12.78
C GLY A 285 -9.88 -24.74 -13.14
N LYS A 286 -10.16 -23.62 -13.79
CA LYS A 286 -11.54 -23.24 -14.16
C LYS A 286 -12.23 -24.30 -15.01
N ASP A 287 -11.44 -25.01 -15.81
CA ASP A 287 -11.97 -26.05 -16.69
C ASP A 287 -12.69 -27.19 -15.95
N ILE A 288 -12.43 -27.41 -14.66
CA ILE A 288 -13.09 -28.52 -13.93
C ILE A 288 -13.92 -28.05 -12.74
N LEU A 289 -14.45 -26.84 -12.85
CA LEU A 289 -15.26 -26.26 -11.78
C LEU A 289 -16.57 -27.00 -11.51
N LYS A 290 -17.27 -27.41 -12.57
CA LYS A 290 -18.58 -28.04 -12.38
C LYS A 290 -18.45 -29.31 -11.58
N PHE A 291 -17.38 -30.07 -11.85
CA PHE A 291 -17.16 -31.33 -11.15
C PHE A 291 -16.98 -31.10 -9.64
N HIS A 292 -16.23 -30.06 -9.26
CA HIS A 292 -15.94 -29.76 -7.86
C HIS A 292 -16.98 -28.96 -7.10
N ALA A 293 -17.70 -28.08 -7.79
CA ALA A 293 -18.63 -27.16 -7.12
C ALA A 293 -20.08 -27.62 -7.21
N ILE A 294 -20.37 -28.50 -8.16
CA ILE A 294 -21.71 -29.04 -8.32
C ILE A 294 -21.78 -30.53 -8.02
N TYR A 295 -21.02 -31.36 -8.72
CA TYR A 295 -21.11 -32.82 -8.54
C TYR A 295 -20.62 -33.28 -7.17
N TRP A 296 -19.44 -32.83 -6.80
CA TRP A 296 -18.78 -33.28 -5.57
C TRP A 296 -19.64 -32.98 -4.34
N PRO A 297 -20.04 -31.70 -4.15
CA PRO A 297 -20.89 -31.42 -3.00
C PRO A 297 -22.16 -32.24 -3.01
N ALA A 298 -22.70 -32.50 -4.19
CA ALA A 298 -23.92 -33.31 -4.28
C ALA A 298 -23.68 -34.75 -3.82
N PHE A 299 -22.61 -35.39 -4.29
CA PHE A 299 -22.26 -36.75 -3.81
C PHE A 299 -22.08 -36.73 -2.29
N LEU A 300 -21.40 -35.72 -1.79
CA LEU A 300 -21.13 -35.61 -0.37
C LEU A 300 -22.41 -35.44 0.43
N LEU A 301 -23.30 -34.56 -0.02
CA LEU A 301 -24.61 -34.42 0.62
C LEU A 301 -25.38 -35.73 0.59
N SER A 302 -25.35 -36.44 -0.54
CA SER A 302 -26.03 -37.73 -0.64
C SER A 302 -25.48 -38.70 0.40
N ALA A 303 -24.16 -38.75 0.46
CA ALA A 303 -23.46 -39.67 1.35
C ALA A 303 -23.47 -39.29 2.84
N GLY A 304 -23.97 -38.11 3.16
CA GLY A 304 -23.89 -37.61 4.53
C GLY A 304 -22.48 -37.30 4.98
N LEU A 305 -21.65 -36.77 4.07
CA LEU A 305 -20.28 -36.38 4.39
C LEU A 305 -20.18 -34.86 4.41
N PRO A 306 -19.23 -34.31 5.17
CA PRO A 306 -19.12 -32.85 5.22
C PRO A 306 -18.55 -32.28 3.92
N LEU A 307 -18.95 -31.06 3.59
CA LEU A 307 -18.53 -30.42 2.34
C LEU A 307 -17.22 -29.65 2.54
N PRO A 308 -16.45 -29.45 1.46
CA PRO A 308 -15.23 -28.64 1.58
C PRO A 308 -15.54 -27.19 1.98
N LYS A 309 -14.52 -26.47 2.40
CA LYS A 309 -14.73 -25.11 2.87
C LYS A 309 -14.56 -24.12 1.74
N LYS A 310 -13.60 -24.38 0.87
CA LYS A 310 -13.30 -23.50 -0.25
C LYS A 310 -12.87 -24.29 -1.49
N ILE A 311 -13.30 -23.83 -2.65
CA ILE A 311 -12.74 -24.23 -3.91
C ILE A 311 -12.15 -22.99 -4.57
N VAL A 312 -10.89 -23.03 -4.96
CA VAL A 312 -10.28 -21.90 -5.63
C VAL A 312 -9.89 -22.34 -7.02
N ALA A 313 -10.35 -21.57 -7.99
CA ALA A 313 -10.28 -21.96 -9.39
C ALA A 313 -9.52 -20.91 -10.18
N HIS A 314 -8.48 -21.33 -10.88
CA HIS A 314 -7.54 -20.41 -11.52
C HIS A 314 -7.59 -20.48 -13.04
N GLY A 315 -6.91 -19.55 -13.72
CA GLY A 315 -6.91 -19.48 -15.18
C GLY A 315 -5.82 -20.27 -15.89
N TRP A 316 -5.88 -20.25 -17.21
CA TRP A 316 -4.93 -20.96 -18.06
C TRP A 316 -3.71 -20.08 -18.38
N TRP A 317 -2.61 -20.69 -18.80
CA TRP A 317 -1.39 -19.95 -19.15
C TRP A 317 -1.14 -19.91 -20.67
N THR A 318 -0.54 -18.80 -21.11
CA THR A 318 -0.05 -18.63 -22.47
C THR A 318 1.43 -18.22 -22.39
N LYS A 319 2.16 -18.42 -23.49
CA LYS A 319 3.55 -17.94 -23.60
C LYS A 319 3.68 -17.05 -24.83
N ASP A 320 4.00 -15.77 -24.61
CA ASP A 320 4.10 -14.76 -25.68
C ASP A 320 2.77 -14.52 -26.40
N ARG A 321 1.70 -14.48 -25.60
CA ARG A 321 0.32 -14.35 -26.09
C ARG A 321 -0.12 -15.43 -27.10
N LYS A 322 0.56 -16.57 -27.12
CA LYS A 322 0.19 -17.70 -27.98
C LYS A 322 -0.11 -18.92 -27.11
N LYS A 323 -0.99 -19.80 -27.58
CA LYS A 323 -1.35 -21.00 -26.85
C LYS A 323 -0.18 -21.97 -26.75
N ILE A 324 -0.05 -22.62 -25.60
CA ILE A 324 1.03 -23.58 -25.38
C ILE A 324 0.66 -24.93 -25.99
N SER A 325 1.51 -25.41 -26.88
CA SER A 325 1.35 -26.73 -27.52
C SER A 325 2.64 -27.08 -28.24
N LYS A 326 3.11 -28.32 -28.06
CA LYS A 326 4.34 -28.78 -28.70
C LYS A 326 4.12 -29.00 -30.19
N SER A 327 2.89 -29.35 -30.57
CA SER A 327 2.50 -29.49 -31.98
C SER A 327 2.51 -28.14 -32.72
N LEU A 328 2.08 -27.08 -32.05
CA LEU A 328 2.04 -25.72 -32.65
C LEU A 328 3.39 -24.99 -32.65
N GLY A 329 4.39 -25.55 -31.99
CA GLY A 329 5.71 -24.94 -31.95
C GLY A 329 5.76 -23.77 -30.99
N ASN A 330 5.34 -24.02 -29.76
CA ASN A 330 5.49 -23.05 -28.68
C ASN A 330 5.46 -23.76 -27.31
N VAL A 331 6.64 -24.13 -26.84
CA VAL A 331 6.78 -24.90 -25.60
C VAL A 331 7.01 -23.96 -24.42
N PHE A 332 6.56 -24.38 -23.25
CA PHE A 332 6.89 -23.74 -21.99
C PHE A 332 7.22 -24.81 -20.96
N ASP A 333 8.49 -25.20 -20.94
CA ASP A 333 8.99 -26.21 -20.01
C ASP A 333 9.41 -25.53 -18.70
N PRO A 334 8.71 -25.82 -17.59
CA PRO A 334 9.01 -25.14 -16.34
C PRO A 334 10.34 -25.56 -15.75
N VAL A 335 10.61 -26.86 -15.77
CA VAL A 335 11.88 -27.37 -15.26
C VAL A 335 13.05 -26.69 -15.98
N GLU A 336 12.91 -26.51 -17.30
CA GLU A 336 13.94 -25.86 -18.11
C GLU A 336 14.09 -24.39 -17.74
N LYS A 337 12.97 -23.68 -17.65
CA LYS A 337 12.99 -22.27 -17.25
C LYS A 337 13.50 -22.05 -15.84
N ALA A 338 13.27 -23.01 -14.95
CA ALA A 338 13.78 -22.94 -13.59
C ALA A 338 15.29 -23.15 -13.54
N GLU A 339 15.79 -24.12 -14.29
CA GLU A 339 17.23 -24.35 -14.38
C GLU A 339 17.93 -23.10 -14.89
N GLU A 340 17.28 -22.34 -15.76
CA GLU A 340 17.85 -21.10 -16.29
C GLU A 340 17.79 -19.93 -15.29
N PHE A 341 16.58 -19.57 -14.89
CA PHE A 341 16.36 -18.37 -14.06
C PHE A 341 16.30 -18.64 -12.55
N GLY A 342 16.23 -19.91 -12.14
CA GLY A 342 16.07 -20.28 -10.73
C GLY A 342 14.69 -20.79 -10.37
N TYR A 343 14.65 -21.78 -9.48
CA TYR A 343 13.38 -22.40 -9.06
C TYR A 343 12.47 -21.46 -8.29
N ASP A 344 12.99 -20.83 -7.25
CA ASP A 344 12.16 -19.88 -6.50
C ASP A 344 11.71 -18.67 -7.33
N ALA A 345 12.57 -18.20 -8.23
CA ALA A 345 12.24 -17.08 -9.09
C ALA A 345 11.06 -17.40 -10.03
N LEU A 346 11.10 -18.59 -10.62
CA LEU A 346 10.04 -19.04 -11.49
C LEU A 346 8.72 -19.14 -10.74
N LYS A 347 8.78 -19.70 -9.54
CA LYS A 347 7.61 -19.85 -8.72
C LYS A 347 7.06 -18.46 -8.39
N TYR A 348 7.95 -17.54 -8.04
CA TYR A 348 7.55 -16.16 -7.76
C TYR A 348 6.80 -15.55 -8.95
N PHE A 349 7.38 -15.70 -10.12
CA PHE A 349 6.80 -15.12 -11.31
C PHE A 349 5.40 -15.67 -11.56
N LEU A 350 5.25 -17.00 -11.52
CA LEU A 350 3.96 -17.63 -11.78
C LEU A 350 2.89 -17.20 -10.79
N LEU A 351 3.30 -16.88 -9.58
CA LEU A 351 2.37 -16.49 -8.54
C LEU A 351 2.12 -14.98 -8.50
N ARG A 352 3.11 -14.21 -8.97
CA ARG A 352 3.02 -12.75 -9.01
C ARG A 352 2.38 -12.24 -10.32
N GLU A 353 2.72 -12.87 -11.44
CA GLU A 353 2.33 -12.35 -12.74
C GLU A 353 0.83 -12.32 -12.96
N SER A 354 0.15 -13.36 -12.51
CA SER A 354 -1.28 -13.44 -12.69
C SER A 354 -1.98 -13.85 -11.41
N GLY A 355 -3.15 -13.27 -11.20
CA GLY A 355 -4.03 -13.70 -10.15
C GLY A 355 -5.02 -14.69 -10.72
N PHE A 356 -5.77 -15.34 -9.84
CA PHE A 356 -6.61 -16.47 -10.23
C PHE A 356 -7.68 -16.12 -11.27
N SER A 357 -8.21 -14.90 -11.20
CA SER A 357 -9.28 -14.48 -12.13
C SER A 357 -8.79 -14.26 -13.57
N ASP A 358 -7.47 -14.26 -13.78
CA ASP A 358 -6.89 -13.99 -15.08
C ASP A 358 -6.23 -15.23 -15.68
N ASP A 359 -6.05 -15.21 -16.99
CA ASP A 359 -5.21 -16.14 -17.71
C ASP A 359 -3.85 -15.46 -17.93
N GLY A 360 -2.86 -15.86 -17.14
CA GLY A 360 -1.55 -15.22 -17.17
C GLY A 360 -0.76 -15.38 -18.45
N ASP A 361 0.29 -14.55 -18.60
CA ASP A 361 1.16 -14.64 -19.76
C ASP A 361 2.65 -14.61 -19.38
N TYR A 362 3.33 -15.72 -19.66
CA TYR A 362 4.78 -15.80 -19.55
C TYR A 362 5.49 -15.22 -20.78
N SER A 363 6.57 -14.47 -20.55
CA SER A 363 7.57 -14.19 -21.60
C SER A 363 8.93 -14.03 -20.94
N ASP A 364 10.00 -14.37 -21.65
CA ASP A 364 11.35 -14.18 -21.12
C ASP A 364 11.59 -12.71 -20.75
N LYS A 365 11.03 -11.81 -21.54
CA LYS A 365 11.10 -10.38 -21.29
C LYS A 365 10.56 -10.06 -19.91
N ASN A 366 9.30 -10.43 -19.68
CA ASN A 366 8.61 -10.08 -18.44
C ASN A 366 9.18 -10.86 -17.24
N MET A 367 9.68 -12.07 -17.49
CA MET A 367 10.30 -12.86 -16.44
C MET A 367 11.58 -12.19 -15.94
N ILE A 368 12.40 -11.72 -16.87
CA ILE A 368 13.63 -11.03 -16.53
C ILE A 368 13.35 -9.68 -15.87
N ALA A 369 12.25 -9.02 -16.26
CA ALA A 369 11.85 -7.76 -15.65
C ALA A 369 11.52 -7.94 -14.18
N ARG A 370 10.78 -8.99 -13.84
CA ARG A 370 10.42 -9.24 -12.44
C ARG A 370 11.59 -9.72 -11.61
N LEU A 371 12.39 -10.61 -12.18
CA LEU A 371 13.57 -11.11 -11.53
C LEU A 371 14.49 -9.93 -11.16
N ASN A 372 14.82 -9.11 -12.15
CA ASN A 372 15.68 -7.93 -11.94
C ASN A 372 15.06 -6.84 -11.07
N GLY A 373 13.84 -6.45 -11.42
CA GLY A 373 13.13 -5.41 -10.70
C GLY A 373 12.77 -5.78 -9.28
N GLU A 374 12.04 -6.86 -9.09
CA GLU A 374 11.50 -7.17 -7.76
C GLU A 374 12.45 -8.02 -6.93
N LEU A 375 12.95 -9.11 -7.49
CA LEU A 375 13.74 -10.04 -6.69
C LEU A 375 15.14 -9.51 -6.43
N ALA A 376 15.80 -9.02 -7.47
CA ALA A 376 17.17 -8.51 -7.33
C ALA A 376 17.21 -7.08 -6.77
N ASP A 377 16.57 -6.12 -7.44
CA ASP A 377 16.66 -4.70 -7.06
C ASP A 377 15.95 -4.36 -5.76
N THR A 378 14.78 -4.97 -5.53
CA THR A 378 14.00 -4.62 -4.35
C THR A 378 14.40 -5.49 -3.16
N LEU A 379 14.30 -6.80 -3.29
CA LEU A 379 14.58 -7.70 -2.17
C LEU A 379 16.08 -7.99 -1.98
N GLY A 380 16.72 -8.52 -3.00
CA GLY A 380 18.12 -8.92 -2.88
C GLY A 380 19.03 -7.78 -2.47
N ASN A 381 18.93 -6.68 -3.20
CA ASN A 381 19.66 -5.46 -2.91
C ASN A 381 19.57 -5.05 -1.43
N LEU A 382 18.36 -5.11 -0.89
CA LEU A 382 18.08 -4.70 0.48
C LEU A 382 18.71 -5.61 1.53
N VAL A 383 18.74 -6.90 1.23
CA VAL A 383 19.34 -7.90 2.13
C VAL A 383 20.86 -7.76 2.17
N MET A 384 21.46 -7.47 1.02
CA MET A 384 22.91 -7.24 0.96
C MET A 384 23.30 -5.94 1.68
N ARG A 385 22.49 -4.90 1.54
CA ARG A 385 22.75 -3.62 2.20
C ARG A 385 22.79 -3.75 3.71
N CYS A 386 21.76 -4.36 4.29
CA CYS A 386 21.64 -4.44 5.73
C CYS A 386 22.56 -5.48 6.36
N THR A 387 23.20 -6.31 5.54
CA THR A 387 24.20 -7.26 6.02
C THR A 387 25.63 -6.86 5.63
N SER A 388 25.78 -5.95 4.68
CA SER A 388 27.09 -5.47 4.23
C SER A 388 28.02 -5.08 5.39
N ALA A 389 29.31 -5.37 5.21
CA ALA A 389 30.35 -4.96 6.17
C ALA A 389 30.57 -3.44 6.18
N LYS A 390 30.28 -2.77 5.07
CA LYS A 390 30.35 -1.32 4.99
C LYS A 390 29.35 -0.69 5.96
N ILE A 391 28.08 -1.11 5.89
CA ILE A 391 27.01 -0.53 6.70
C ILE A 391 26.93 -1.15 8.10
N ASN A 392 26.82 -2.48 8.13
CA ASN A 392 26.76 -3.22 9.39
C ASN A 392 28.18 -3.65 9.82
N VAL A 393 28.91 -2.75 10.46
CA VAL A 393 30.33 -2.95 10.75
C VAL A 393 30.63 -4.02 11.81
N ASN A 394 29.65 -4.31 12.66
CA ASN A 394 29.82 -5.32 13.72
C ASN A 394 29.24 -6.67 13.37
N GLY A 395 28.58 -6.77 12.21
CA GLY A 395 27.89 -7.99 11.80
C GLY A 395 26.95 -8.51 12.88
N GLU A 396 26.09 -7.64 13.39
CA GLU A 396 25.13 -8.00 14.43
C GLU A 396 23.83 -7.21 14.26
N TRP A 397 22.79 -7.62 14.99
CA TRP A 397 21.57 -6.84 15.08
C TRP A 397 21.79 -5.77 16.14
N PRO A 398 21.88 -4.50 15.72
CA PRO A 398 22.18 -3.47 16.68
C PRO A 398 20.97 -3.17 17.55
N SER A 399 21.22 -2.52 18.68
CA SER A 399 20.18 -2.14 19.62
C SER A 399 19.63 -0.78 19.17
N PRO A 400 18.32 -0.68 18.91
CA PRO A 400 17.81 0.61 18.42
C PRO A 400 17.79 1.70 19.46
N ALA A 401 18.06 2.93 19.03
CA ALA A 401 17.86 4.11 19.85
C ALA A 401 16.42 4.61 19.70
N ALA A 402 16.19 5.86 20.05
CA ALA A 402 14.86 6.45 19.95
C ALA A 402 14.39 6.55 18.50
N TYR A 403 13.12 6.25 18.30
CA TYR A 403 12.49 6.21 16.99
C TYR A 403 11.90 7.57 16.63
N THR A 404 12.22 8.04 15.43
CA THR A 404 11.59 9.23 14.86
C THR A 404 10.21 8.89 14.34
N GLU A 405 9.43 9.91 13.99
CA GLU A 405 8.10 9.67 13.40
C GLU A 405 8.20 8.91 12.09
N GLU A 406 9.19 9.27 11.27
CA GLU A 406 9.46 8.52 10.05
C GLU A 406 9.77 7.05 10.36
N ASP A 407 10.64 6.81 11.32
CA ASP A 407 10.95 5.46 11.77
C ASP A 407 9.67 4.71 12.06
N GLU A 408 8.80 5.33 12.83
CA GLU A 408 7.57 4.68 13.23
C GLU A 408 6.60 4.44 12.10
N SER A 409 6.56 5.33 11.12
CA SER A 409 5.69 5.13 9.98
C SER A 409 6.07 3.79 9.33
N LEU A 410 7.36 3.52 9.25
CA LEU A 410 7.83 2.26 8.67
C LEU A 410 7.50 1.05 9.55
N ILE A 411 7.73 1.20 10.84
CA ILE A 411 7.46 0.13 11.80
C ILE A 411 5.99 -0.26 11.78
N GLN A 412 5.12 0.73 11.63
CA GLN A 412 3.70 0.45 11.55
C GLN A 412 3.37 -0.41 10.33
N LEU A 413 3.93 -0.07 9.17
CA LEU A 413 3.71 -0.86 7.97
C LEU A 413 4.12 -2.31 8.18
N ILE A 414 5.20 -2.53 8.90
CA ILE A 414 5.71 -3.86 9.17
C ILE A 414 4.81 -4.58 10.15
N LYS A 415 4.41 -3.88 11.20
CA LYS A 415 3.49 -4.47 12.19
C LYS A 415 2.18 -4.89 11.54
N ASP A 416 1.72 -4.14 10.55
CA ASP A 416 0.45 -4.43 9.91
C ASP A 416 0.55 -5.52 8.83
N LEU A 417 1.75 -5.73 8.29
CA LEU A 417 1.90 -6.60 7.16
C LEU A 417 1.41 -8.03 7.38
N PRO A 418 1.72 -8.64 8.55
CA PRO A 418 1.32 -10.04 8.66
C PRO A 418 -0.17 -10.25 8.61
N GLY A 419 -0.92 -9.40 9.32
CA GLY A 419 -2.37 -9.50 9.35
C GLY A 419 -3.00 -9.42 7.97
N THR A 420 -2.39 -8.58 7.12
CA THR A 420 -2.86 -8.32 5.78
C THR A 420 -2.49 -9.43 4.84
N ALA A 421 -1.24 -9.89 4.96
CA ALA A 421 -0.75 -11.03 4.18
C ALA A 421 -1.52 -12.28 4.53
N ASP A 422 -1.75 -12.47 5.82
CA ASP A 422 -2.59 -13.56 6.31
C ASP A 422 -3.94 -13.57 5.61
N HIS A 423 -4.66 -12.46 5.65
CA HIS A 423 -5.99 -12.45 5.07
C HIS A 423 -5.94 -12.87 3.60
N TYR A 424 -4.98 -12.35 2.84
CA TYR A 424 -4.88 -12.70 1.44
C TYR A 424 -4.58 -14.20 1.24
N TYR A 425 -3.65 -14.74 2.01
CA TYR A 425 -3.33 -16.17 1.92
C TYR A 425 -4.54 -17.04 2.19
N LEU A 426 -5.42 -16.59 3.08
CA LEU A 426 -6.60 -17.35 3.46
C LEU A 426 -7.79 -17.20 2.51
N ILE A 427 -7.72 -16.30 1.54
CA ILE A 427 -8.86 -16.13 0.65
C ILE A 427 -9.14 -17.40 -0.17
N PRO A 428 -8.12 -17.91 -0.89
CA PRO A 428 -6.75 -17.46 -1.06
C PRO A 428 -6.54 -16.59 -2.30
N ASP A 429 -5.59 -15.67 -2.18
CA ASP A 429 -5.24 -14.74 -3.24
C ASP A 429 -3.76 -14.51 -3.03
N ILE A 430 -2.96 -15.38 -3.63
CA ILE A 430 -1.51 -15.38 -3.40
C ILE A 430 -0.85 -14.18 -4.04
N GLN A 431 -1.38 -13.74 -5.18
CA GLN A 431 -0.86 -12.57 -5.87
C GLN A 431 -0.91 -11.36 -4.93
N LYS A 432 -2.07 -11.12 -4.31
CA LYS A 432 -2.23 -9.94 -3.47
C LYS A 432 -1.41 -10.03 -2.19
N ALA A 433 -1.15 -11.26 -1.72
CA ALA A 433 -0.28 -11.45 -0.58
C ALA A 433 1.14 -11.01 -0.94
N ILE A 434 1.60 -11.44 -2.11
CA ILE A 434 2.93 -11.07 -2.58
C ILE A 434 3.04 -9.56 -2.77
N ILE A 435 2.02 -8.96 -3.39
CA ILE A 435 2.04 -7.54 -3.64
C ILE A 435 2.14 -6.81 -2.30
N ALA A 436 1.31 -7.20 -1.33
CA ALA A 436 1.38 -6.59 0.00
C ALA A 436 2.79 -6.64 0.54
N VAL A 437 3.45 -7.79 0.50
CA VAL A 437 4.80 -7.90 1.05
C VAL A 437 5.75 -6.95 0.34
N PHE A 438 5.67 -6.88 -0.98
CA PHE A 438 6.62 -6.05 -1.72
C PHE A 438 6.36 -4.55 -1.59
N ASP A 439 5.12 -4.17 -1.28
CA ASP A 439 4.81 -2.78 -0.96
C ASP A 439 5.65 -2.39 0.26
N VAL A 440 5.68 -3.28 1.26
CA VAL A 440 6.49 -3.04 2.45
C VAL A 440 7.99 -3.03 2.14
N LEU A 441 8.41 -3.92 1.25
CA LEU A 441 9.80 -3.93 0.81
C LEU A 441 10.19 -2.64 0.08
N ARG A 442 9.32 -2.14 -0.80
CA ARG A 442 9.60 -0.88 -1.50
C ARG A 442 9.75 0.25 -0.48
N ALA A 443 8.87 0.27 0.51
CA ALA A 443 8.93 1.26 1.60
C ALA A 443 10.22 1.21 2.42
N ILE A 444 10.74 0.02 2.66
CA ILE A 444 11.97 -0.11 3.42
C ILE A 444 13.09 0.47 2.59
N ASN A 445 13.12 0.14 1.30
CA ASN A 445 14.13 0.69 0.40
C ASN A 445 14.11 2.21 0.37
N ALA A 446 12.91 2.78 0.26
CA ALA A 446 12.71 4.22 0.25
C ALA A 446 13.29 4.86 1.53
N TYR A 447 13.03 4.19 2.65
CA TYR A 447 13.52 4.63 3.95
C TYR A 447 15.04 4.58 4.03
N VAL A 448 15.63 3.54 3.47
CA VAL A 448 17.08 3.36 3.50
C VAL A 448 17.75 4.39 2.59
N THR A 449 17.19 4.61 1.42
CA THR A 449 17.68 5.66 0.53
C THR A 449 17.65 6.99 1.29
N ASP A 450 16.52 7.25 1.93
CA ASP A 450 16.25 8.48 2.65
C ASP A 450 17.22 8.70 3.80
N MET A 451 17.50 7.65 4.57
CA MET A 451 18.37 7.77 5.75
C MET A 451 19.84 7.72 5.42
N ALA A 452 20.18 7.12 4.28
CA ALA A 452 21.57 7.03 3.84
C ALA A 452 22.48 6.48 4.94
N PRO A 453 22.25 5.22 5.34
CA PRO A 453 23.01 4.62 6.45
C PRO A 453 24.52 4.56 6.19
N TRP A 454 24.91 4.45 4.94
CA TRP A 454 26.32 4.50 4.55
C TRP A 454 27.00 5.81 5.00
N LYS A 455 26.30 6.94 4.90
CA LYS A 455 26.80 8.21 5.44
C LYS A 455 26.78 8.22 6.97
N LEU A 456 25.79 7.57 7.56
CA LEU A 456 25.63 7.55 9.01
C LEU A 456 26.74 6.80 9.73
N VAL A 457 27.38 5.84 9.04
CA VAL A 457 28.44 5.01 9.65
C VAL A 457 29.50 5.82 10.35
N LYS A 458 29.74 7.03 9.84
CA LYS A 458 30.75 7.97 10.38
C LYS A 458 30.16 9.24 11.01
N THR A 459 29.00 9.68 10.53
CA THR A 459 28.37 10.90 11.04
C THR A 459 27.59 10.64 12.33
N ASP A 460 26.87 9.53 12.38
CA ASP A 460 25.94 9.28 13.48
C ASP A 460 25.74 7.79 13.73
N PRO A 461 26.70 7.15 14.41
CA PRO A 461 26.58 5.73 14.72
C PRO A 461 25.34 5.39 15.56
N GLU A 462 24.95 6.29 16.45
CA GLU A 462 23.78 6.08 17.28
C GLU A 462 22.52 6.05 16.41
N ARG A 463 22.43 6.98 15.46
CA ARG A 463 21.34 6.96 14.48
C ARG A 463 21.35 5.70 13.60
N LEU A 464 22.54 5.27 13.19
CA LEU A 464 22.70 4.07 12.38
C LEU A 464 22.10 2.84 13.05
N ARG A 465 22.35 2.69 14.33
CA ARG A 465 21.79 1.56 15.08
C ARG A 465 20.28 1.44 14.86
N THR A 466 19.57 2.55 14.95
CA THR A 466 18.13 2.56 14.77
C THR A 466 17.74 2.17 13.34
N VAL A 467 18.35 2.83 12.37
CA VAL A 467 18.01 2.59 10.98
C VAL A 467 18.24 1.13 10.62
N LEU A 468 19.42 0.64 10.98
CA LEU A 468 19.85 -0.72 10.68
C LEU A 468 18.95 -1.77 11.31
N TYR A 469 18.58 -1.55 12.57
CA TYR A 469 17.70 -2.49 13.25
C TYR A 469 16.34 -2.58 12.57
N ILE A 470 15.73 -1.44 12.25
CA ILE A 470 14.45 -1.45 11.56
C ILE A 470 14.57 -2.17 10.21
N THR A 471 15.64 -1.89 9.48
CA THR A 471 15.83 -2.49 8.17
C THR A 471 15.95 -4.02 8.25
N LEU A 472 16.73 -4.49 9.23
CA LEU A 472 16.88 -5.92 9.47
C LEU A 472 15.55 -6.56 9.79
N GLU A 473 14.81 -5.92 10.70
CA GLU A 473 13.56 -6.48 11.17
C GLU A 473 12.49 -6.43 10.08
N GLY A 474 12.53 -5.40 9.25
CA GLY A 474 11.61 -5.33 8.12
C GLY A 474 11.87 -6.45 7.12
N VAL A 475 13.15 -6.73 6.89
CA VAL A 475 13.57 -7.76 5.96
C VAL A 475 13.23 -9.13 6.50
N ARG A 476 13.46 -9.34 7.79
CA ARG A 476 13.11 -10.61 8.42
C ARG A 476 11.61 -10.89 8.24
N VAL A 477 10.78 -9.91 8.58
CA VAL A 477 9.34 -10.14 8.62
C VAL A 477 8.79 -10.35 7.20
N THR A 478 9.27 -9.56 6.25
CA THR A 478 8.85 -9.72 4.86
C THR A 478 9.29 -11.06 4.31
N THR A 479 10.50 -11.48 4.66
CA THR A 479 11.04 -12.75 4.21
C THR A 479 10.26 -13.93 4.77
N LEU A 480 9.97 -13.88 6.06
CA LEU A 480 9.14 -14.89 6.69
C LEU A 480 7.84 -15.10 5.93
N LEU A 481 7.16 -14.00 5.62
CA LEU A 481 5.88 -14.05 4.92
C LEU A 481 6.02 -14.46 3.46
N LEU A 482 7.18 -14.21 2.87
CA LEU A 482 7.50 -14.74 1.54
C LEU A 482 8.06 -16.16 1.55
N SER A 483 8.19 -16.80 2.72
CA SER A 483 8.88 -18.09 2.75
C SER A 483 8.07 -19.21 2.06
N PRO A 484 6.74 -19.12 2.03
CA PRO A 484 6.01 -20.08 1.20
C PRO A 484 6.24 -19.90 -0.31
N ILE A 485 6.61 -18.69 -0.76
CA ILE A 485 6.84 -18.41 -2.17
C ILE A 485 8.29 -18.68 -2.56
N LEU A 486 9.24 -18.30 -1.70
CA LEU A 486 10.66 -18.47 -1.97
C LEU A 486 11.27 -19.36 -0.87
N PRO A 487 10.89 -20.63 -0.85
CA PRO A 487 11.28 -21.56 0.22
C PRO A 487 12.78 -21.70 0.43
N ARG A 488 13.52 -21.84 -0.65
CA ARG A 488 14.97 -22.00 -0.56
C ARG A 488 15.66 -20.67 -0.30
N LYS A 489 15.22 -19.62 -1.00
CA LYS A 489 15.86 -18.32 -0.86
C LYS A 489 15.57 -17.68 0.49
N SER A 490 14.39 -17.95 1.04
CA SER A 490 14.09 -17.44 2.38
C SER A 490 15.09 -18.00 3.38
N VAL A 491 15.49 -19.26 3.19
CA VAL A 491 16.44 -19.88 4.09
C VAL A 491 17.83 -19.26 3.97
N VAL A 492 18.22 -18.87 2.76
CA VAL A 492 19.50 -18.21 2.58
C VAL A 492 19.48 -16.89 3.29
N ILE A 493 18.37 -16.16 3.12
CA ILE A 493 18.23 -14.83 3.72
C ILE A 493 18.33 -14.91 5.23
N PHE A 494 17.53 -15.78 5.84
CA PHE A 494 17.59 -15.97 7.28
C PHE A 494 18.99 -16.34 7.75
N ASP A 495 19.69 -17.20 6.99
CA ASP A 495 21.09 -17.55 7.30
C ASP A 495 22.02 -16.34 7.30
N MET A 496 21.80 -15.42 6.37
CA MET A 496 22.61 -14.22 6.29
C MET A 496 22.28 -13.30 7.45
N LEU A 497 20.99 -13.16 7.76
CA LEU A 497 20.57 -12.40 8.94
C LEU A 497 20.95 -13.09 10.25
N GLY A 498 21.26 -14.37 10.20
CA GLY A 498 21.61 -15.12 11.40
C GLY A 498 20.42 -15.33 12.31
N VAL A 499 19.24 -15.51 11.73
CA VAL A 499 18.04 -15.73 12.51
C VAL A 499 18.03 -17.16 13.03
N PRO A 500 17.89 -17.34 14.35
CA PRO A 500 17.82 -18.71 14.85
C PRO A 500 16.65 -19.48 14.25
N GLU A 501 16.82 -20.80 14.09
CA GLU A 501 15.77 -21.68 13.52
C GLU A 501 14.39 -21.46 14.10
N VAL A 502 14.30 -21.43 15.43
CA VAL A 502 13.04 -21.24 16.14
C VAL A 502 12.20 -20.02 15.68
N HIS A 503 12.88 -18.96 15.23
CA HIS A 503 12.21 -17.72 14.82
C HIS A 503 11.84 -17.70 13.32
N ARG A 504 12.03 -18.82 12.62
CA ARG A 504 11.69 -18.89 11.18
C ARG A 504 10.28 -19.43 10.88
N LYS A 505 9.52 -19.70 11.92
CA LYS A 505 8.12 -20.05 11.76
C LYS A 505 7.40 -19.70 13.04
N GLY A 506 6.08 -19.92 13.06
CA GLY A 506 5.26 -19.60 14.21
C GLY A 506 4.74 -18.19 14.12
N ILE A 507 3.48 -18.01 14.51
CA ILE A 507 2.84 -16.69 14.50
C ILE A 507 3.46 -15.75 15.53
N GLU A 508 4.07 -16.34 16.56
CA GLU A 508 4.85 -15.58 17.53
C GLU A 508 5.86 -14.69 16.80
N ASN A 509 6.45 -15.23 15.74
CA ASN A 509 7.47 -14.52 14.99
C ASN A 509 6.97 -13.62 13.85
N PHE A 510 5.66 -13.49 13.73
CA PHE A 510 5.06 -12.43 12.91
C PHE A 510 5.23 -11.06 13.61
N GLU A 511 5.39 -11.06 14.93
CA GLU A 511 5.52 -9.83 15.68
C GLU A 511 6.85 -9.11 15.48
N PHE A 512 6.76 -7.79 15.38
CA PHE A 512 7.92 -6.92 15.26
C PHE A 512 8.78 -7.08 16.49
N GLY A 513 10.07 -7.25 16.27
CA GLY A 513 11.07 -7.34 17.35
C GLY A 513 11.26 -8.70 17.96
N ALA A 514 10.97 -9.76 17.21
CA ALA A 514 11.04 -11.12 17.76
C ALA A 514 12.48 -11.61 17.90
N VAL A 515 13.39 -11.04 17.10
CA VAL A 515 14.80 -11.40 17.14
C VAL A 515 15.54 -10.34 17.95
N PRO A 516 16.23 -10.76 19.02
CA PRO A 516 16.84 -9.74 19.87
C PRO A 516 18.08 -9.06 19.29
N PRO A 517 18.29 -7.78 19.66
CA PRO A 517 19.57 -7.15 19.35
C PRO A 517 20.69 -7.94 20.00
N GLY A 518 21.82 -8.04 19.30
CA GLY A 518 22.94 -8.84 19.78
C GLY A 518 23.05 -10.14 19.00
N THR A 519 21.95 -10.56 18.39
CA THR A 519 21.95 -11.69 17.47
C THR A 519 23.00 -11.41 16.39
N ARG A 520 23.78 -12.42 16.05
CA ARG A 520 24.91 -12.25 15.13
C ARG A 520 24.51 -12.64 13.73
N LEU A 521 25.00 -11.91 12.73
CA LEU A 521 24.75 -12.28 11.34
C LEU A 521 25.53 -13.53 10.97
N GLY A 522 25.05 -14.25 9.96
CA GLY A 522 25.78 -15.39 9.40
C GLY A 522 27.01 -14.89 8.67
N PRO A 523 27.91 -15.80 8.28
CA PRO A 523 29.14 -15.36 7.64
C PRO A 523 28.98 -15.06 6.14
N ALA A 524 29.75 -14.09 5.64
CA ALA A 524 29.78 -13.76 4.20
C ALA A 524 30.51 -14.84 3.39
N VAL A 525 30.31 -14.84 2.07
CA VAL A 525 31.00 -15.74 1.15
C VAL A 525 31.53 -14.94 -0.04
N GLU A 526 32.73 -15.27 -0.51
CA GLU A 526 33.37 -14.55 -1.63
C GLU A 526 32.50 -14.56 -2.91
N GLY A 527 31.89 -13.41 -3.20
CA GLY A 527 31.12 -13.20 -4.42
C GLY A 527 29.74 -13.82 -4.45
N GLU A 528 29.06 -13.87 -3.30
CA GLU A 528 27.71 -14.42 -3.23
C GLU A 528 26.65 -13.38 -3.57
N VAL A 529 25.55 -13.83 -4.16
CA VAL A 529 24.40 -12.96 -4.43
C VAL A 529 23.12 -13.80 -4.38
N LEU A 530 22.04 -13.19 -3.90
CA LEU A 530 20.76 -13.90 -3.74
C LEU A 530 20.10 -14.20 -5.05
N PHE A 531 19.79 -13.16 -5.81
CA PHE A 531 19.30 -13.29 -7.18
C PHE A 531 20.21 -12.44 -8.04
N SER A 532 20.82 -13.03 -9.06
CA SER A 532 21.71 -12.26 -9.94
C SER A 532 20.96 -11.86 -11.21
N LYS A 533 21.26 -10.65 -11.68
CA LYS A 533 20.55 -10.03 -12.78
C LYS A 533 20.87 -10.68 -14.12
N ARG A 534 19.87 -10.71 -15.00
CA ARG A 534 20.00 -11.32 -16.31
C ARG A 534 19.79 -10.23 -17.37
N SER A 535 20.60 -10.24 -18.43
CA SER A 535 20.54 -9.18 -19.44
C SER A 535 19.30 -9.27 -20.35
N THR A 536 19.04 -8.21 -21.12
CA THR A 536 17.88 -8.13 -22.00
C THR A 536 18.22 -8.46 -23.47
N GLU A 537 18.12 -9.75 -23.81
CA GLU A 537 18.29 -10.20 -25.19
C GLU A 537 16.97 -10.12 -25.93
N GLY B 1 -2.60 -0.80 13.27
CA GLY B 1 -2.70 -0.51 14.73
C GLY B 1 -3.09 0.93 14.99
N PRO B 2 -3.18 1.32 16.25
CA PRO B 2 -3.60 2.68 16.57
C PRO B 2 -2.57 3.72 16.17
N GLY B 3 -3.03 4.90 15.82
CA GLY B 3 -2.13 6.03 15.65
C GLY B 3 -1.78 6.65 16.99
N SER B 4 -1.12 7.80 16.95
CA SER B 4 -0.70 8.46 18.17
C SER B 4 -1.92 9.11 18.81
N MET B 5 -1.89 9.23 20.14
CA MET B 5 -2.98 9.86 20.84
C MET B 5 -2.88 11.35 20.66
N LYS B 6 -3.95 12.05 21.02
CA LYS B 6 -3.99 13.48 20.90
C LYS B 6 -2.90 14.08 21.77
N VAL B 7 -2.30 15.18 21.32
CA VAL B 7 -1.41 15.97 22.16
C VAL B 7 -2.25 16.62 23.24
N GLU B 8 -1.62 16.91 24.38
CA GLU B 8 -2.31 17.54 25.49
C GLU B 8 -2.33 19.08 25.34
N LYS B 9 -1.26 19.65 24.77
CA LYS B 9 -1.19 21.09 24.52
C LYS B 9 -2.10 21.52 23.38
N VAL B 10 -2.01 22.78 22.99
CA VAL B 10 -2.68 23.26 21.79
C VAL B 10 -1.70 23.10 20.67
N PHE B 11 -2.11 22.38 19.63
CA PHE B 11 -1.22 22.06 18.54
C PHE B 11 -0.96 23.34 17.76
N PHE B 12 0.32 23.67 17.62
CA PHE B 12 0.71 24.97 17.11
C PHE B 12 1.54 24.80 15.83
N VAL B 13 0.96 25.20 14.71
CA VAL B 13 1.56 25.07 13.39
C VAL B 13 1.63 26.43 12.75
N THR B 14 2.73 26.70 12.07
CA THR B 14 2.94 28.02 11.51
C THR B 14 3.34 27.98 10.05
N SER B 15 3.09 29.11 9.41
CA SER B 15 3.64 29.38 8.11
C SER B 15 4.74 30.44 8.29
N PRO B 16 5.58 30.63 7.27
CA PRO B 16 6.49 31.77 7.35
C PRO B 16 5.66 33.01 7.24
N ILE B 17 6.18 34.13 7.69
CA ILE B 17 5.54 35.39 7.41
C ILE B 17 6.22 35.98 6.18
N TYR B 18 5.41 36.52 5.30
CA TYR B 18 5.82 36.81 3.94
C TYR B 18 6.12 38.28 3.73
N TYR B 19 7.12 38.58 2.90
CA TYR B 19 7.57 39.94 2.73
C TYR B 19 6.61 40.72 1.83
N VAL B 20 6.25 41.93 2.27
CA VAL B 20 5.23 42.72 1.58
C VAL B 20 5.75 43.62 0.45
N ASN B 21 6.95 43.35 -0.07
CA ASN B 21 7.40 44.06 -1.26
C ASN B 21 7.02 43.33 -2.57
N ALA B 22 6.24 42.25 -2.45
CA ALA B 22 5.70 41.56 -3.62
C ALA B 22 4.25 41.15 -3.35
N ALA B 23 3.52 40.96 -4.44
CA ALA B 23 2.15 40.48 -4.36
C ALA B 23 2.17 39.00 -3.99
N PRO B 24 1.09 38.50 -3.37
CA PRO B 24 0.96 37.06 -3.13
C PRO B 24 1.17 36.24 -4.40
N HIS B 25 1.85 35.10 -4.27
CA HIS B 25 2.14 34.23 -5.41
C HIS B 25 2.11 32.76 -4.92
N ILE B 26 2.37 31.83 -5.83
CA ILE B 26 2.26 30.39 -5.57
C ILE B 26 3.09 29.86 -4.37
N GLY B 27 4.32 30.37 -4.21
CA GLY B 27 5.14 30.06 -3.03
C GLY B 27 4.42 30.29 -1.71
N HIS B 28 3.88 31.49 -1.54
CA HIS B 28 3.16 31.85 -0.32
C HIS B 28 1.95 30.95 -0.16
N VAL B 29 1.26 30.69 -1.27
CA VAL B 29 0.04 29.90 -1.25
C VAL B 29 0.34 28.45 -0.85
N TYR B 30 1.43 27.93 -1.41
CA TYR B 30 1.90 26.57 -1.12
C TYR B 30 2.24 26.38 0.36
N SER B 31 3.10 27.25 0.90
CA SER B 31 3.47 27.21 2.31
C SER B 31 2.27 27.25 3.21
N THR B 32 1.38 28.21 2.95
CA THR B 32 0.19 28.39 3.78
C THR B 32 -0.79 27.22 3.64
N LEU B 33 -0.83 26.58 2.48
CA LEU B 33 -1.65 25.38 2.28
C LEU B 33 -1.22 24.21 3.17
N ILE B 34 0.09 23.97 3.21
CA ILE B 34 0.64 22.91 4.05
C ILE B 34 0.33 23.19 5.51
N THR B 35 0.48 24.45 5.92
CA THR B 35 0.15 24.89 7.26
C THR B 35 -1.32 24.62 7.53
N ASP B 36 -2.16 25.00 6.58
CA ASP B 36 -3.61 24.84 6.72
C ASP B 36 -3.99 23.37 6.86
N VAL B 37 -3.42 22.56 5.99
CA VAL B 37 -3.70 21.14 5.97
C VAL B 37 -3.32 20.46 7.28
N ILE B 38 -2.12 20.76 7.78
CA ILE B 38 -1.65 20.17 9.01
C ILE B 38 -2.58 20.62 10.11
N GLY B 39 -2.91 21.90 10.11
CA GLY B 39 -3.87 22.41 11.07
C GLY B 39 -5.19 21.68 11.01
N ARG B 40 -5.69 21.47 9.81
CA ARG B 40 -6.97 20.79 9.64
C ARG B 40 -6.92 19.36 10.18
N TYR B 41 -5.85 18.62 9.89
CA TYR B 41 -5.79 17.23 10.31
C TYR B 41 -5.93 17.11 11.82
N HIS B 42 -5.22 17.98 12.54
CA HIS B 42 -5.24 17.94 13.98
C HIS B 42 -6.57 18.42 14.58
N ARG B 43 -7.28 19.31 13.88
CA ARG B 43 -8.67 19.63 14.28
C ARG B 43 -9.58 18.43 14.06
N VAL B 44 -9.42 17.74 12.95
CA VAL B 44 -10.20 16.52 12.70
C VAL B 44 -9.86 15.43 13.72
N LYS B 45 -8.60 15.38 14.13
CA LYS B 45 -8.19 14.40 15.14
C LYS B 45 -8.88 14.67 16.47
N GLY B 46 -9.29 15.93 16.66
CA GLY B 46 -9.98 16.35 17.86
C GLY B 46 -9.11 17.08 18.85
N GLU B 47 -8.00 17.64 18.36
CA GLU B 47 -7.12 18.47 19.17
C GLU B 47 -7.51 19.93 19.04
N ARG B 48 -7.14 20.72 20.05
CA ARG B 48 -7.17 22.16 19.93
C ARG B 48 -6.02 22.55 19.03
N VAL B 49 -6.27 23.48 18.11
CA VAL B 49 -5.27 23.89 17.13
C VAL B 49 -5.20 25.39 17.03
N PHE B 50 -3.98 25.91 16.94
CA PHE B 50 -3.75 27.31 16.57
C PHE B 50 -2.80 27.38 15.37
N ALA B 51 -3.34 27.74 14.23
CA ALA B 51 -2.54 27.89 13.01
C ALA B 51 -2.32 29.37 12.68
N LEU B 52 -1.07 29.69 12.33
CA LEU B 52 -0.62 31.06 12.23
C LEU B 52 0.08 31.28 10.90
N THR B 53 -0.21 32.43 10.29
CA THR B 53 0.51 32.93 9.12
C THR B 53 0.63 34.45 9.27
N GLY B 54 1.29 35.14 8.34
CA GLY B 54 1.38 36.61 8.44
C GLY B 54 2.30 37.32 7.47
N THR B 55 2.62 38.57 7.80
CA THR B 55 3.46 39.40 6.93
C THR B 55 4.60 40.05 7.66
N ASP B 56 5.76 40.01 7.01
CA ASP B 56 6.98 40.68 7.44
C ASP B 56 6.93 42.04 6.77
N GLU B 57 6.88 43.11 7.54
CA GLU B 57 6.51 44.41 6.99
C GLU B 57 7.56 45.53 7.10
N HIS B 58 8.60 45.33 7.90
CA HIS B 58 9.65 46.35 8.07
C HIS B 58 10.75 46.20 7.04
N GLY B 59 11.70 47.13 7.06
CA GLY B 59 12.90 47.01 6.25
C GLY B 59 13.03 48.07 5.17
N GLN B 60 14.24 48.27 4.70
CA GLN B 60 14.51 49.30 3.71
C GLN B 60 13.77 49.08 2.38
N LYS B 61 13.56 47.83 1.99
CA LYS B 61 12.95 47.56 0.69
C LYS B 61 11.46 47.89 0.65
N VAL B 62 10.78 47.73 1.79
CA VAL B 62 9.39 48.12 1.90
C VAL B 62 9.27 49.63 1.84
N ALA B 63 10.14 50.32 2.57
CA ALA B 63 10.17 51.79 2.53
C ALA B 63 10.41 52.30 1.11
N GLU B 64 11.38 51.72 0.41
CA GLU B 64 11.69 52.08 -0.96
C GLU B 64 10.51 51.80 -1.90
N ALA B 65 9.79 50.71 -1.67
CA ALA B 65 8.62 50.35 -2.47
C ALA B 65 7.49 51.33 -2.25
N ALA B 66 7.26 51.68 -0.98
CA ALA B 66 6.26 52.69 -0.61
C ALA B 66 6.54 54.08 -1.18
N LYS B 67 7.82 54.44 -1.25
CA LYS B 67 8.23 55.71 -1.84
C LYS B 67 7.90 55.76 -3.34
N GLN B 68 8.20 54.68 -4.07
CA GLN B 68 7.99 54.64 -5.51
C GLN B 68 6.50 54.74 -5.84
N LYS B 69 5.66 54.19 -4.97
CA LYS B 69 4.20 54.31 -5.10
C LYS B 69 3.67 55.64 -4.54
N GLN B 70 4.52 56.38 -3.84
CA GLN B 70 4.21 57.70 -3.29
C GLN B 70 3.08 57.66 -2.25
N VAL B 71 3.20 56.70 -1.34
CA VAL B 71 2.27 56.50 -0.24
C VAL B 71 3.11 56.24 0.99
N SER B 72 2.54 56.40 2.18
CA SER B 72 3.33 56.14 3.40
C SER B 72 3.59 54.63 3.51
N PRO B 73 4.68 54.25 4.20
CA PRO B 73 4.94 52.83 4.43
C PRO B 73 3.85 52.14 5.24
N TYR B 74 3.16 52.89 6.10
CA TYR B 74 2.06 52.35 6.88
C TYR B 74 0.86 52.03 5.99
N ASP B 75 0.61 52.88 5.00
CA ASP B 75 -0.49 52.62 4.06
C ASP B 75 -0.16 51.50 3.09
N PHE B 76 1.09 51.49 2.63
CA PHE B 76 1.58 50.48 1.72
C PHE B 76 1.42 49.11 2.38
N THR B 77 1.92 48.98 3.60
CA THR B 77 1.94 47.70 4.27
C THR B 77 0.54 47.23 4.61
N THR B 78 -0.32 48.15 5.04
CA THR B 78 -1.70 47.80 5.33
C THR B 78 -2.37 47.25 4.07
N ALA B 79 -2.16 47.93 2.94
CA ALA B 79 -2.70 47.51 1.65
C ALA B 79 -2.21 46.13 1.23
N VAL B 80 -0.89 45.93 1.25
CA VAL B 80 -0.32 44.68 0.80
C VAL B 80 -0.71 43.54 1.75
N ALA B 81 -0.72 43.81 3.05
CA ALA B 81 -1.20 42.81 4.00
C ALA B 81 -2.64 42.40 3.66
N GLY B 82 -3.44 43.38 3.21
CA GLY B 82 -4.80 43.14 2.73
C GLY B 82 -4.86 42.22 1.52
N GLU B 83 -3.95 42.41 0.56
CA GLU B 83 -3.83 41.52 -0.60
C GLU B 83 -3.56 40.09 -0.15
N PHE B 84 -2.67 39.92 0.83
CA PHE B 84 -2.38 38.59 1.36
C PHE B 84 -3.58 38.01 2.10
N LYS B 85 -4.23 38.81 2.94
CA LYS B 85 -5.40 38.34 3.70
C LYS B 85 -6.49 37.82 2.78
N LYS B 86 -6.75 38.56 1.70
CA LYS B 86 -7.79 38.20 0.74
C LYS B 86 -7.43 36.95 -0.04
N CYS B 87 -6.16 36.83 -0.43
CA CYS B 87 -5.70 35.66 -1.14
C CYS B 87 -6.03 34.38 -0.36
N PHE B 88 -5.85 34.43 0.96
CA PHE B 88 -6.07 33.26 1.80
C PHE B 88 -7.54 33.01 2.08
N GLU B 89 -8.34 34.06 2.10
CA GLU B 89 -9.80 33.89 2.13
C GLU B 89 -10.26 33.21 0.84
N GLN B 90 -9.84 33.73 -0.31
CA GLN B 90 -10.24 33.17 -1.61
C GLN B 90 -9.81 31.72 -1.76
N MET B 91 -8.61 31.43 -1.28
CA MET B 91 -8.06 30.08 -1.25
C MET B 91 -8.76 29.13 -0.26
N ASP B 92 -9.63 29.68 0.60
CA ASP B 92 -10.50 28.90 1.49
C ASP B 92 -9.71 28.19 2.59
N TYR B 93 -8.63 28.81 3.04
CA TYR B 93 -7.87 28.32 4.18
C TYR B 93 -8.62 28.57 5.48
N SER B 94 -8.08 28.05 6.58
CA SER B 94 -8.71 28.15 7.88
C SER B 94 -7.64 28.39 8.94
N ILE B 95 -6.85 29.43 8.71
CA ILE B 95 -5.77 29.84 9.59
C ILE B 95 -6.37 30.67 10.70
N ASP B 96 -5.95 30.43 11.93
CA ASP B 96 -6.59 31.04 13.10
C ASP B 96 -6.19 32.49 13.33
N TYR B 97 -4.95 32.87 13.00
CA TYR B 97 -4.54 34.25 13.15
C TYR B 97 -3.57 34.70 12.07
N PHE B 98 -3.72 35.96 11.66
CA PHE B 98 -2.84 36.57 10.67
C PHE B 98 -2.06 37.67 11.39
N ILE B 99 -0.75 37.48 11.53
CA ILE B 99 0.06 38.39 12.32
C ILE B 99 0.82 39.34 11.43
N ARG B 100 0.81 40.62 11.77
CA ARG B 100 1.64 41.60 11.06
C ARG B 100 2.74 42.13 12.00
N THR B 101 3.96 42.29 11.49
CA THR B 101 5.07 42.77 12.33
C THR B 101 4.99 44.26 12.68
N THR B 102 4.11 45.00 12.01
CA THR B 102 3.83 46.39 12.39
C THR B 102 3.00 46.46 13.67
N ASN B 103 2.44 45.32 14.06
CA ASN B 103 1.61 45.23 15.24
C ASN B 103 2.38 45.59 16.49
N GLU B 104 1.70 46.22 17.44
CA GLU B 104 2.33 46.75 18.65
C GLU B 104 2.71 45.65 19.63
N GLN B 105 1.85 44.65 19.75
CA GLN B 105 2.11 43.54 20.65
C GLN B 105 3.32 42.77 20.18
N HIS B 106 3.43 42.58 18.86
CA HIS B 106 4.65 42.00 18.30
C HIS B 106 5.88 42.79 18.74
N LYS B 107 5.84 44.11 18.59
CA LYS B 107 6.98 44.94 18.93
C LYS B 107 7.33 44.79 20.40
N ALA B 108 6.31 44.73 21.27
CA ALA B 108 6.55 44.48 22.69
C ALA B 108 7.36 43.19 22.90
N VAL B 109 6.95 42.13 22.21
CA VAL B 109 7.58 40.82 22.37
C VAL B 109 9.03 40.84 21.84
N VAL B 110 9.23 41.49 20.70
CA VAL B 110 10.58 41.65 20.13
C VAL B 110 11.52 42.37 21.10
N LYS B 111 11.03 43.44 21.73
CA LYS B 111 11.82 44.19 22.69
CA LYS B 111 11.79 44.19 22.73
C LYS B 111 12.13 43.33 23.93
N GLU B 112 11.15 42.53 24.37
CA GLU B 112 11.37 41.63 25.50
C GLU B 112 12.47 40.62 25.18
N LEU B 113 12.37 40.00 24.01
CA LEU B 113 13.32 38.97 23.65
C LEU B 113 14.71 39.56 23.42
N TRP B 114 14.76 40.66 22.68
CA TRP B 114 16.00 41.38 22.48
C TRP B 114 16.66 41.58 23.84
N THR B 115 15.91 42.16 24.78
CA THR B 115 16.43 42.58 26.08
C THR B 115 16.96 41.39 26.86
N LYS B 116 16.27 40.27 26.78
CA LYS B 116 16.69 39.08 27.49
C LYS B 116 18.05 38.62 26.96
N LEU B 117 18.17 38.53 25.64
CA LEU B 117 19.40 38.07 25.00
C LEU B 117 20.56 38.99 25.31
N GLU B 118 20.28 40.28 25.42
CA GLU B 118 21.30 41.26 25.72
C GLU B 118 21.71 41.16 27.19
N GLN B 119 20.76 40.93 28.08
CA GLN B 119 21.10 40.74 29.49
C GLN B 119 21.87 39.45 29.76
N LYS B 120 21.57 38.40 29.00
CA LYS B 120 22.35 37.16 29.03
C LYS B 120 23.81 37.34 28.55
N GLY B 121 24.09 38.44 27.86
CA GLY B 121 25.41 38.68 27.27
C GLY B 121 25.57 38.03 25.90
N ASP B 122 24.47 37.58 25.32
CA ASP B 122 24.48 36.93 24.02
C ASP B 122 24.33 37.93 22.86
N ILE B 123 23.88 39.15 23.19
CA ILE B 123 23.94 40.29 22.27
C ILE B 123 24.89 41.31 22.86
N TYR B 124 25.81 41.83 22.05
CA TYR B 124 26.76 42.84 22.49
C TYR B 124 26.91 43.92 21.42
N LEU B 125 27.32 45.11 21.85
CA LEU B 125 27.52 46.25 20.96
C LEU B 125 29.00 46.43 20.65
N GLY B 126 29.34 46.54 19.37
CA GLY B 126 30.73 46.76 18.97
C GLY B 126 30.82 47.65 17.75
N ARG B 127 31.97 48.29 17.56
CA ARG B 127 32.18 49.10 16.37
C ARG B 127 32.59 48.17 15.26
N TYR B 128 31.83 48.13 14.17
CA TYR B 128 32.25 47.36 13.00
C TYR B 128 32.99 48.29 12.03
N GLU B 129 34.08 47.78 11.46
CA GLU B 129 34.79 48.48 10.37
C GLU B 129 35.15 47.52 9.23
N GLY B 130 34.67 47.83 8.04
CA GLY B 130 34.84 46.96 6.88
C GLY B 130 33.84 47.28 5.79
N TRP B 131 33.62 46.33 4.89
CA TRP B 131 32.74 46.55 3.74
C TRP B 131 31.29 46.24 4.08
N TYR B 132 30.38 46.95 3.40
CA TYR B 132 28.95 46.72 3.51
C TYR B 132 28.33 46.94 2.13
N SER B 133 27.72 45.90 1.58
CA SER B 133 26.80 46.04 0.44
C SER B 133 25.48 46.61 0.98
N ILE B 134 25.04 47.74 0.43
CA ILE B 134 23.80 48.38 0.89
C ILE B 134 22.60 47.71 0.19
N SER B 135 22.81 47.34 -1.07
CA SER B 135 21.79 46.68 -1.87
C SER B 135 21.47 45.28 -1.31
N ASP B 136 22.51 44.52 -0.96
CA ASP B 136 22.33 43.18 -0.38
C ASP B 136 22.02 43.21 1.12
N GLU B 137 22.17 44.37 1.76
CA GLU B 137 21.96 44.51 3.21
C GLU B 137 22.89 43.56 4.00
N SER B 138 24.11 43.38 3.48
CA SER B 138 25.07 42.39 4.01
C SER B 138 26.41 43.02 4.40
N PHE B 139 26.88 42.68 5.61
CA PHE B 139 28.28 42.89 5.99
C PHE B 139 29.13 41.86 5.26
N LEU B 140 30.26 42.28 4.71
CA LEU B 140 31.11 41.43 3.89
C LEU B 140 32.59 41.57 4.25
N THR B 141 33.32 40.44 4.25
CA THR B 141 34.75 40.44 4.61
C THR B 141 35.61 40.95 3.45
N PRO B 142 36.88 41.30 3.73
CA PRO B 142 37.77 41.72 2.62
C PRO B 142 38.04 40.62 1.59
N GLN B 143 37.78 39.36 1.97
CA GLN B 143 37.86 38.22 1.07
C GLN B 143 36.77 38.23 -0.01
N ASN B 144 35.55 38.63 0.37
CA ASN B 144 34.38 38.56 -0.50
C ASN B 144 34.16 39.78 -1.42
N ILE B 145 35.25 40.37 -1.93
CA ILE B 145 35.15 41.49 -2.88
C ILE B 145 36.17 41.38 -4.03
N THR B 146 35.84 42.02 -5.15
CA THR B 146 36.79 42.23 -6.25
C THR B 146 36.32 43.46 -7.05
N ASP B 147 37.18 44.00 -7.92
CA ASP B 147 36.89 45.21 -8.68
C ASP B 147 35.75 45.00 -9.70
N GLY B 148 34.94 46.04 -9.92
CA GLY B 148 33.82 45.97 -10.85
C GLY B 148 33.21 47.32 -11.24
N VAL B 149 32.27 47.29 -12.18
CA VAL B 149 31.64 48.51 -12.71
C VAL B 149 30.59 49.06 -11.75
N ASP B 150 30.36 50.38 -11.83
CA ASP B 150 29.34 51.05 -11.01
C ASP B 150 27.95 50.81 -11.60
N ASN B 154 32.13 53.97 -13.43
CA ASN B 154 33.51 54.19 -12.98
C ASN B 154 34.00 53.11 -12.00
N PRO B 155 35.31 52.79 -12.04
CA PRO B 155 35.85 51.65 -11.28
C PRO B 155 35.71 51.76 -9.77
N CYS B 156 35.12 50.74 -9.15
CA CYS B 156 34.94 50.70 -7.69
C CYS B 156 35.10 49.26 -7.17
N LYS B 157 34.82 49.07 -5.88
CA LYS B 157 34.77 47.73 -5.30
C LYS B 157 33.31 47.26 -5.25
N VAL B 158 33.09 45.99 -5.58
CA VAL B 158 31.75 45.37 -5.61
C VAL B 158 31.78 44.00 -4.94
N SER B 159 30.59 43.46 -4.65
CA SER B 159 30.48 42.12 -4.07
C SER B 159 30.79 41.06 -5.13
N LEU B 160 31.56 40.06 -4.72
CA LEU B 160 31.92 38.94 -5.58
C LEU B 160 30.70 38.06 -5.87
N GLU B 161 29.75 38.03 -4.94
CA GLU B 161 28.54 37.19 -5.03
C GLU B 161 27.46 37.80 -5.93
N SER B 162 27.03 39.01 -5.62
CA SER B 162 25.89 39.64 -6.30
C SER B 162 26.30 40.65 -7.37
N GLY B 163 27.47 41.27 -7.20
CA GLY B 163 27.96 42.29 -8.14
C GLY B 163 27.64 43.73 -7.75
N HIS B 164 26.82 43.92 -6.71
CA HIS B 164 26.45 45.27 -6.24
C HIS B 164 27.63 45.97 -5.56
N VAL B 165 27.51 47.29 -5.39
CA VAL B 165 28.59 48.11 -4.86
C VAL B 165 28.71 47.98 -3.33
N VAL B 166 29.95 48.06 -2.82
CA VAL B 166 30.22 47.92 -1.38
C VAL B 166 30.98 49.12 -0.81
N THR B 167 30.31 49.88 0.05
CA THR B 167 30.94 51.00 0.75
C THR B 167 31.85 50.47 1.86
N TRP B 168 32.88 51.24 2.21
CA TRP B 168 33.60 51.04 3.46
C TRP B 168 32.84 51.82 4.54
N VAL B 169 32.32 51.10 5.52
CA VAL B 169 31.60 51.74 6.65
C VAL B 169 32.31 51.56 7.98
N SER B 170 32.01 52.46 8.91
CA SER B 170 32.55 52.41 10.26
C SER B 170 31.45 52.81 11.24
N GLU B 171 30.81 51.82 11.87
CA GLU B 171 29.64 52.09 12.69
C GLU B 171 29.40 51.07 13.79
N GLU B 172 28.83 51.55 14.89
CA GLU B 172 28.40 50.69 15.97
C GLU B 172 27.34 49.69 15.48
N ASN B 173 27.37 48.49 16.03
CA ASN B 173 26.47 47.43 15.60
C ASN B 173 26.28 46.35 16.65
N TYR B 174 25.06 45.83 16.74
CA TYR B 174 24.74 44.79 17.71
C TYR B 174 24.88 43.44 17.05
N MET B 175 25.69 42.58 17.69
CA MET B 175 25.93 41.22 17.23
C MET B 175 25.31 40.24 18.20
N PHE B 176 24.67 39.21 17.66
CA PHE B 176 24.29 38.03 18.43
C PHE B 176 25.41 37.00 18.29
N ARG B 177 25.88 36.50 19.43
CA ARG B 177 27.07 35.63 19.50
C ARG B 177 26.74 34.20 19.11
N LEU B 178 26.35 34.04 17.85
CA LEU B 178 25.87 32.77 17.32
C LEU B 178 26.93 31.68 17.41
N SER B 179 28.19 32.05 17.24
CA SER B 179 29.30 31.07 17.32
C SER B 179 29.32 30.28 18.64
N ALA B 180 28.85 30.90 19.73
CA ALA B 180 28.82 30.25 21.03
C ALA B 180 27.74 29.18 21.19
N PHE B 181 26.95 28.93 20.14
CA PHE B 181 25.80 28.00 20.23
C PHE B 181 25.97 26.74 19.38
N ARG B 182 27.11 26.65 18.69
CA ARG B 182 27.42 25.50 17.85
C ARG B 182 27.15 24.17 18.56
N GLU B 183 27.77 23.97 19.71
CA GLU B 183 27.64 22.72 20.44
C GLU B 183 26.21 22.43 20.89
N ARG B 184 25.53 23.42 21.46
CA ARG B 184 24.13 23.20 21.87
C ARG B 184 23.20 22.88 20.69
N LEU B 185 23.48 23.44 19.52
CA LEU B 185 22.68 23.16 18.33
C LEU B 185 22.92 21.75 17.83
N LEU B 186 24.19 21.36 17.73
CA LEU B 186 24.53 20.00 17.33
C LEU B 186 23.93 18.97 18.28
N GLU B 187 23.99 19.25 19.57
CA GLU B 187 23.35 18.43 20.59
C GLU B 187 21.86 18.28 20.32
N TRP B 188 21.20 19.40 20.03
CA TRP B 188 19.78 19.42 19.78
C TRP B 188 19.39 18.60 18.54
N TYR B 189 20.15 18.76 17.46
CA TYR B 189 19.87 18.00 16.25
C TYR B 189 19.99 16.49 16.53
N HIS B 190 20.94 16.09 17.37
CA HIS B 190 21.20 14.67 17.61
C HIS B 190 20.22 14.05 18.61
N ALA B 191 19.78 14.82 19.59
CA ALA B 191 18.79 14.34 20.54
C ALA B 191 17.40 14.23 19.89
N ASN B 192 17.19 14.91 18.77
CA ASN B 192 15.87 14.92 18.13
C ASN B 192 16.03 14.76 16.65
N PRO B 193 16.32 13.52 16.21
CA PRO B 193 16.66 13.31 14.80
C PRO B 193 15.49 13.48 13.82
N GLY B 194 14.28 13.70 14.33
CA GLY B 194 13.12 13.97 13.48
C GLY B 194 12.69 15.43 13.45
N CYS B 195 13.53 16.32 13.98
CA CYS B 195 13.16 17.72 14.15
C CYS B 195 13.32 18.57 12.89
N ILE B 196 13.96 18.01 11.87
CA ILE B 196 14.05 18.70 10.58
C ILE B 196 13.73 17.73 9.49
N VAL B 197 12.75 18.07 8.67
CA VAL B 197 12.27 17.21 7.61
C VAL B 197 12.29 17.99 6.30
N PRO B 198 12.62 17.35 5.19
CA PRO B 198 13.07 15.96 5.04
C PRO B 198 14.49 15.75 5.52
N GLU B 199 14.84 14.49 5.68
CA GLU B 199 16.08 14.05 6.28
C GLU B 199 17.33 14.63 5.63
N PHE B 200 17.37 14.70 4.30
CA PHE B 200 18.55 15.23 3.61
C PHE B 200 18.75 16.72 3.89
N ARG B 201 17.66 17.42 4.17
CA ARG B 201 17.75 18.81 4.61
C ARG B 201 18.27 18.92 6.03
N ARG B 202 17.90 17.97 6.88
CA ARG B 202 18.43 17.93 8.22
C ARG B 202 19.95 17.76 8.19
N ARG B 203 20.41 16.81 7.38
CA ARG B 203 21.84 16.54 7.23
C ARG B 203 22.59 17.76 6.69
N GLU B 204 21.96 18.55 5.81
CA GLU B 204 22.56 19.80 5.29
C GLU B 204 22.80 20.80 6.43
N VAL B 205 21.82 20.92 7.31
CA VAL B 205 21.93 21.83 8.43
C VAL B 205 23.03 21.37 9.37
N ILE B 206 23.10 20.08 9.64
CA ILE B 206 24.10 19.57 10.58
C ILE B 206 25.51 19.81 10.06
N ARG B 207 25.74 19.57 8.77
CA ARG B 207 27.04 19.84 8.16
C ARG B 207 27.43 21.30 8.27
N ALA B 208 26.46 22.19 8.11
CA ALA B 208 26.73 23.62 8.18
C ALA B 208 27.22 23.99 9.58
N VAL B 209 26.44 23.62 10.60
CA VAL B 209 26.78 23.94 11.99
C VAL B 209 28.11 23.29 12.41
N GLU B 210 28.42 22.10 11.92
CA GLU B 210 29.71 21.46 12.20
C GLU B 210 30.89 22.28 11.68
N LYS B 211 30.74 22.88 10.50
CA LYS B 211 31.80 23.70 9.90
C LYS B 211 32.20 24.91 10.74
N GLY B 212 31.33 25.36 11.63
CA GLY B 212 31.57 26.55 12.46
C GLY B 212 30.51 27.58 12.12
N LEU B 213 30.19 28.44 13.10
CA LEU B 213 29.18 29.48 12.90
C LEU B 213 29.76 30.86 13.18
N PRO B 214 29.59 31.80 12.24
CA PRO B 214 29.95 33.18 12.55
C PRO B 214 28.87 33.82 13.39
N ASP B 215 29.26 34.79 14.22
CA ASP B 215 28.28 35.63 14.94
C ASP B 215 27.38 36.37 13.94
N LEU B 216 26.22 36.82 14.43
CA LEU B 216 25.15 37.30 13.56
C LEU B 216 24.78 38.74 13.86
N SER B 217 24.87 39.58 12.84
CA SER B 217 24.45 40.98 12.97
C SER B 217 22.92 41.08 13.08
N VAL B 218 22.45 41.67 14.18
CA VAL B 218 21.00 41.75 14.46
C VAL B 218 20.44 43.18 14.48
N SER B 219 21.26 44.16 14.17
CA SER B 219 20.78 45.54 14.02
C SER B 219 21.34 46.22 12.77
N ARG B 220 20.62 47.23 12.30
CA ARG B 220 21.15 48.17 11.33
C ARG B 220 20.85 49.57 11.83
N ALA B 221 21.59 50.54 11.31
CA ALA B 221 21.38 51.94 11.67
C ALA B 221 20.04 52.43 11.11
N ARG B 222 19.35 53.29 11.86
CA ARG B 222 18.02 53.74 11.45
C ARG B 222 18.02 54.36 10.05
N ALA B 223 19.06 55.11 9.70
CA ALA B 223 19.15 55.68 8.36
C ALA B 223 19.11 54.59 7.28
N THR B 224 19.82 53.49 7.50
CA THR B 224 19.92 52.38 6.55
C THR B 224 18.55 51.77 6.20
N LEU B 225 17.67 51.72 7.20
CA LEU B 225 16.33 51.16 7.06
C LEU B 225 15.27 52.25 6.84
N HIS B 226 15.70 53.46 6.50
CA HIS B 226 14.76 54.56 6.25
C HIS B 226 13.80 54.69 7.43
N ASN B 227 14.33 54.46 8.62
CA ASN B 227 13.60 54.58 9.86
C ASN B 227 12.35 53.70 9.93
N TRP B 228 12.28 52.65 9.10
CA TRP B 228 11.08 51.83 9.01
C TRP B 228 11.34 50.44 9.61
N ALA B 229 11.40 50.42 10.94
CA ALA B 229 11.74 49.22 11.70
C ALA B 229 11.49 49.46 13.18
N ILE B 230 11.71 48.44 13.99
CA ILE B 230 11.56 48.54 15.44
C ILE B 230 12.88 49.05 15.99
N PRO B 231 12.84 50.05 16.87
CA PRO B 231 14.08 50.55 17.46
C PRO B 231 14.64 49.62 18.53
N VAL B 232 15.96 49.58 18.64
CA VAL B 232 16.61 48.78 19.65
C VAL B 232 16.32 49.35 21.03
N PRO B 233 15.86 48.51 21.98
CA PRO B 233 15.61 48.95 23.35
C PRO B 233 16.77 49.68 23.98
N GLY B 234 16.51 50.91 24.42
CA GLY B 234 17.52 51.74 25.02
C GLY B 234 18.47 52.40 24.04
N ASN B 235 18.32 52.15 22.73
CA ASN B 235 19.18 52.80 21.73
C ASN B 235 18.48 53.18 20.40
N PRO B 236 17.81 54.35 20.38
CA PRO B 236 17.04 54.85 19.24
C PRO B 236 17.80 54.99 17.90
N ASP B 237 19.12 55.11 17.96
CA ASP B 237 19.92 55.25 16.74
C ASP B 237 20.02 53.98 15.91
N HIS B 238 19.63 52.84 16.49
CA HIS B 238 19.65 51.56 15.79
C HIS B 238 18.28 50.89 15.81
N CYS B 239 18.08 50.03 14.83
CA CYS B 239 16.84 49.33 14.62
C CYS B 239 17.10 47.82 14.62
N VAL B 240 16.11 47.04 15.05
CA VAL B 240 16.20 45.58 15.03
C VAL B 240 16.06 45.08 13.59
N TYR B 241 17.06 44.34 13.12
CA TYR B 241 17.04 43.81 11.75
C TYR B 241 16.10 42.58 11.66
N VAL B 242 16.05 41.95 10.49
CA VAL B 242 15.04 40.95 10.19
C VAL B 242 14.98 39.76 11.16
N TRP B 243 16.13 39.30 11.63
CA TRP B 243 16.21 38.03 12.33
C TRP B 243 15.35 38.05 13.60
N LEU B 244 15.60 39.00 14.50
CA LEU B 244 14.80 39.07 15.74
C LEU B 244 13.45 39.77 15.59
N ASP B 245 13.18 40.35 14.42
CA ASP B 245 11.87 40.89 14.13
C ASP B 245 10.97 39.79 13.59
N ALA B 246 11.32 39.26 12.42
CA ALA B 246 10.49 38.29 11.73
C ALA B 246 10.35 36.96 12.48
N LEU B 247 11.47 36.40 12.93
CA LEU B 247 11.44 35.08 13.54
C LEU B 247 10.59 35.10 14.78
N THR B 248 10.62 36.21 15.50
CA THR B 248 9.88 36.35 16.74
C THR B 248 8.37 36.28 16.56
N ASN B 249 7.89 36.39 15.32
CA ASN B 249 6.44 36.35 15.10
C ASN B 249 5.79 35.12 15.72
N TYR B 250 6.50 34.00 15.73
CA TYR B 250 6.00 32.74 16.27
C TYR B 250 5.82 32.84 17.77
N LEU B 251 6.76 33.50 18.42
CA LEU B 251 6.64 33.75 19.85
C LEU B 251 5.47 34.67 20.13
N THR B 252 5.42 35.81 19.45
CA THR B 252 4.31 36.74 19.62
C THR B 252 2.98 36.03 19.42
N GLY B 253 2.84 35.34 18.29
CA GLY B 253 1.60 34.66 17.96
C GLY B 253 1.15 33.73 19.06
N SER B 254 2.10 33.10 19.73
CA SER B 254 1.78 32.08 20.73
C SER B 254 1.22 32.67 22.01
N ARG B 255 1.29 33.99 22.11
CA ARG B 255 0.90 34.71 23.31
C ARG B 255 -0.29 35.67 23.13
N LEU B 256 -0.86 35.72 21.92
CA LEU B 256 -2.01 36.60 21.64
C LEU B 256 -3.34 35.89 21.85
N ARG B 257 -4.17 36.42 22.74
CA ARG B 257 -5.59 36.08 22.76
C ARG B 257 -6.30 36.70 21.54
N VAL B 258 -7.11 35.89 20.86
CA VAL B 258 -7.75 36.28 19.62
C VAL B 258 -9.26 36.11 19.73
N ASP B 259 -10.02 37.11 19.26
CA ASP B 259 -11.48 37.07 19.38
C ASP B 259 -12.12 36.25 18.24
N GLU B 260 -13.44 36.08 18.30
CA GLU B 260 -14.22 35.32 17.31
C GLU B 260 -13.99 35.80 15.87
N SER B 261 -13.74 37.10 15.70
CA SER B 261 -13.53 37.69 14.37
C SER B 261 -12.08 37.62 13.83
N GLY B 262 -11.13 37.12 14.63
CA GLY B 262 -9.73 37.01 14.19
C GLY B 262 -8.84 38.19 14.57
N LYS B 263 -9.40 39.15 15.30
CA LYS B 263 -8.65 40.31 15.76
C LYS B 263 -7.97 40.03 17.11
N GLU B 264 -6.73 40.49 17.22
CA GLU B 264 -5.93 40.32 18.43
C GLU B 264 -6.42 41.22 19.56
N VAL B 265 -6.63 40.65 20.73
CA VAL B 265 -7.30 41.36 21.82
C VAL B 265 -6.41 41.60 23.06
N SER B 266 -5.41 40.74 23.25
CA SER B 266 -4.60 40.80 24.47
C SER B 266 -3.29 40.05 24.27
N LEU B 267 -2.20 40.58 24.82
CA LEU B 267 -0.94 39.88 24.88
C LEU B 267 -0.68 39.38 26.31
N VAL B 268 -0.69 38.07 26.50
CA VAL B 268 -0.38 37.50 27.80
C VAL B 268 1.13 37.53 28.02
N ASP B 269 1.55 37.56 29.29
CA ASP B 269 2.98 37.65 29.65
C ASP B 269 3.69 36.32 29.52
N ASP B 270 3.05 35.25 29.98
CA ASP B 270 3.61 33.91 29.99
C ASP B 270 3.05 33.06 28.83
N PHE B 271 3.92 32.65 27.90
CA PHE B 271 3.52 31.81 26.76
C PHE B 271 2.80 30.55 27.17
N ASN B 272 3.15 29.99 28.33
CA ASN B 272 2.50 28.78 28.82
C ASN B 272 1.01 28.92 29.06
N GLU B 273 0.51 30.14 29.21
CA GLU B 273 -0.91 30.30 29.54
C GLU B 273 -1.82 29.85 28.41
N LEU B 274 -1.35 29.98 27.17
CA LEU B 274 -2.14 29.63 25.99
C LEU B 274 -1.78 28.27 25.37
N GLU B 275 -0.71 27.67 25.87
CA GLU B 275 -0.35 26.28 25.59
C GLU B 275 0.03 26.05 24.13
N ARG B 276 0.43 27.09 23.42
CA ARG B 276 0.85 26.97 22.02
C ARG B 276 2.35 26.85 21.86
N PHE B 277 3.12 27.72 22.51
CA PHE B 277 4.57 27.72 22.31
C PHE B 277 5.15 26.49 22.99
N PRO B 278 6.13 25.84 22.33
CA PRO B 278 6.69 26.16 21.03
C PRO B 278 5.96 25.43 19.92
N ALA B 279 6.20 25.87 18.69
CA ALA B 279 5.56 25.29 17.51
C ALA B 279 5.75 23.78 17.47
N ASP B 280 4.66 23.08 17.19
CA ASP B 280 4.76 21.65 16.94
C ASP B 280 5.30 21.43 15.54
N VAL B 281 4.96 22.33 14.62
CA VAL B 281 5.50 22.31 13.27
C VAL B 281 5.67 23.70 12.68
N HIS B 282 6.90 24.02 12.27
CA HIS B 282 7.15 25.18 11.44
C HIS B 282 7.20 24.76 9.99
N VAL B 283 6.30 25.27 9.17
CA VAL B 283 6.34 25.03 7.74
C VAL B 283 7.14 26.13 7.06
N ILE B 284 8.18 25.77 6.30
CA ILE B 284 8.98 26.74 5.55
C ILE B 284 9.44 26.23 4.19
N GLY B 285 9.78 27.16 3.31
CA GLY B 285 10.50 26.80 2.08
C GLY B 285 11.96 26.54 2.40
N LYS B 286 12.63 25.79 1.53
CA LYS B 286 14.04 25.43 1.72
C LYS B 286 14.96 26.63 1.82
N ASP B 287 14.49 27.76 1.27
CA ASP B 287 15.25 29.01 1.22
C ASP B 287 15.50 29.67 2.57
N ILE B 288 14.64 29.40 3.56
CA ILE B 288 14.81 30.01 4.89
C ILE B 288 15.07 28.97 5.99
N LEU B 289 15.54 27.79 5.58
CA LEU B 289 15.81 26.68 6.50
C LEU B 289 16.90 27.00 7.47
N LYS B 290 17.99 27.60 6.99
CA LYS B 290 19.10 27.97 7.86
C LYS B 290 18.66 28.94 8.97
N PHE B 291 17.75 29.84 8.63
CA PHE B 291 17.32 30.87 9.59
C PHE B 291 16.45 30.24 10.66
N HIS B 292 15.70 29.22 10.27
CA HIS B 292 14.76 28.52 11.17
C HIS B 292 15.42 27.40 11.99
N ALA B 293 16.43 26.74 11.44
CA ALA B 293 17.07 25.61 12.14
C ALA B 293 18.35 25.97 12.88
N ILE B 294 18.94 27.12 12.55
CA ILE B 294 20.15 27.59 13.23
C ILE B 294 19.85 28.85 14.07
N TYR B 295 19.47 29.95 13.44
CA TYR B 295 19.32 31.23 14.15
C TYR B 295 18.23 31.15 15.22
N TRP B 296 17.04 30.78 14.77
CA TRP B 296 15.84 30.74 15.62
C TRP B 296 16.07 29.94 16.89
N PRO B 297 16.49 28.66 16.78
CA PRO B 297 16.74 27.95 18.03
C PRO B 297 17.87 28.54 18.89
N ALA B 298 18.87 29.14 18.27
CA ALA B 298 19.92 29.84 19.03
C ALA B 298 19.29 30.94 19.89
N PHE B 299 18.41 31.75 19.30
CA PHE B 299 17.69 32.76 20.07
C PHE B 299 16.92 32.15 21.25
N LEU B 300 16.26 31.03 21.01
CA LEU B 300 15.43 30.38 22.02
C LEU B 300 16.29 29.78 23.15
N LEU B 301 17.42 29.18 22.76
CA LEU B 301 18.40 28.68 23.72
C LEU B 301 18.94 29.80 24.63
N SER B 302 19.27 30.95 24.03
CA SER B 302 19.74 32.10 24.79
C SER B 302 18.69 32.52 25.81
N ALA B 303 17.43 32.55 25.40
CA ALA B 303 16.35 33.07 26.25
C ALA B 303 15.81 32.04 27.23
N GLY B 304 16.33 30.82 27.20
CA GLY B 304 15.80 29.72 28.00
C GLY B 304 14.38 29.36 27.59
N LEU B 305 14.07 29.54 26.30
CA LEU B 305 12.76 29.17 25.77
C LEU B 305 12.77 27.78 25.11
N PRO B 306 11.64 27.05 25.18
CA PRO B 306 11.58 25.74 24.53
C PRO B 306 11.68 25.79 23.00
N LEU B 307 12.32 24.77 22.44
CA LEU B 307 12.56 24.71 21.00
C LEU B 307 11.40 24.01 20.30
N PRO B 308 11.19 24.32 19.01
CA PRO B 308 10.09 23.73 18.27
C PRO B 308 10.31 22.24 18.07
N LYS B 309 9.24 21.49 17.88
CA LYS B 309 9.36 20.04 17.70
C LYS B 309 9.87 19.66 16.32
N LYS B 310 9.35 20.31 15.30
CA LYS B 310 9.69 20.02 13.91
C LYS B 310 9.75 21.26 13.03
N ILE B 311 10.66 21.25 12.07
CA ILE B 311 10.71 22.23 11.01
C ILE B 311 10.67 21.43 9.71
N VAL B 312 9.65 21.66 8.91
CA VAL B 312 9.51 21.00 7.63
C VAL B 312 9.77 22.03 6.52
N ALA B 313 10.75 21.71 5.66
CA ALA B 313 11.13 22.59 4.58
C ALA B 313 10.82 21.95 3.24
N HIS B 314 10.12 22.68 2.37
CA HIS B 314 9.68 22.15 1.07
C HIS B 314 10.43 22.81 -0.09
N GLY B 315 10.10 22.40 -1.31
CA GLY B 315 10.74 22.95 -2.53
C GLY B 315 9.98 24.07 -3.21
N TRP B 316 10.48 24.51 -4.37
CA TRP B 316 9.86 25.59 -5.16
C TRP B 316 9.17 24.99 -6.37
N TRP B 317 8.00 25.51 -6.72
CA TRP B 317 7.31 25.05 -7.93
C TRP B 317 7.88 25.60 -9.23
N THR B 318 7.64 24.85 -10.31
CA THR B 318 7.80 25.32 -11.69
C THR B 318 6.48 25.07 -12.44
N LYS B 319 6.33 25.68 -13.60
CA LYS B 319 5.18 25.42 -14.46
C LYS B 319 5.66 25.10 -15.86
N ASP B 320 5.17 23.99 -16.42
CA ASP B 320 5.59 23.47 -17.72
C ASP B 320 7.11 23.34 -17.78
N ARG B 321 7.68 22.87 -16.67
CA ARG B 321 9.13 22.66 -16.49
C ARG B 321 10.03 23.91 -16.57
N LYS B 322 9.45 25.11 -16.59
CA LYS B 322 10.24 26.37 -16.57
C LYS B 322 9.98 27.19 -15.29
N LYS B 323 10.88 28.14 -15.03
CA LYS B 323 10.77 29.02 -13.85
C LYS B 323 9.54 29.91 -13.93
N ILE B 324 8.75 29.95 -12.85
CA ILE B 324 7.54 30.77 -12.80
C ILE B 324 7.88 32.25 -12.65
N SER B 325 7.58 33.02 -13.69
CA SER B 325 7.85 34.46 -13.71
C SER B 325 6.85 35.17 -14.61
N LYS B 326 6.13 36.15 -14.06
CA LYS B 326 5.26 37.01 -14.85
C LYS B 326 6.10 37.78 -15.88
N SER B 327 7.32 38.12 -15.47
CA SER B 327 8.30 38.81 -16.33
C SER B 327 8.69 37.99 -17.56
N LEU B 328 9.07 36.73 -17.36
CA LEU B 328 9.51 35.86 -18.48
C LEU B 328 8.35 35.15 -19.21
N GLY B 329 7.10 35.51 -18.91
CA GLY B 329 5.95 34.98 -19.62
C GLY B 329 5.66 33.54 -19.23
N ASN B 330 5.46 33.33 -17.93
CA ASN B 330 5.05 32.04 -17.41
C ASN B 330 4.42 32.23 -16.02
N VAL B 331 3.16 32.65 -16.07
CA VAL B 331 2.36 32.86 -14.88
C VAL B 331 1.77 31.54 -14.40
N PHE B 332 1.86 31.31 -13.08
CA PHE B 332 1.10 30.27 -12.41
C PHE B 332 0.30 30.91 -11.29
N ASP B 333 -0.93 31.29 -11.60
CA ASP B 333 -1.84 31.97 -10.66
C ASP B 333 -2.74 30.95 -9.99
N PRO B 334 -2.51 30.67 -8.71
CA PRO B 334 -3.30 29.66 -8.01
C PRO B 334 -4.81 29.89 -8.05
N VAL B 335 -5.24 31.14 -7.87
CA VAL B 335 -6.67 31.43 -7.80
C VAL B 335 -7.30 31.19 -9.16
N GLU B 336 -6.61 31.59 -10.21
CA GLU B 336 -7.10 31.40 -11.57
C GLU B 336 -7.31 29.91 -11.83
N LYS B 337 -6.31 29.10 -11.48
CA LYS B 337 -6.39 27.65 -11.71
C LYS B 337 -7.44 26.98 -10.85
N ALA B 338 -7.66 27.50 -9.65
CA ALA B 338 -8.70 26.99 -8.77
C ALA B 338 -10.11 27.27 -9.33
N GLU B 339 -10.31 28.48 -9.83
CA GLU B 339 -11.58 28.84 -10.48
C GLU B 339 -11.90 27.90 -11.64
N GLU B 340 -10.87 27.38 -12.31
CA GLU B 340 -11.09 26.53 -13.48
C GLU B 340 -11.26 25.06 -13.17
N PHE B 341 -10.39 24.50 -12.31
CA PHE B 341 -10.39 23.07 -12.02
C PHE B 341 -11.05 22.73 -10.70
N GLY B 342 -11.24 23.74 -9.85
CA GLY B 342 -11.77 23.54 -8.51
C GLY B 342 -10.70 23.79 -7.45
N TYR B 343 -11.17 24.25 -6.30
CA TYR B 343 -10.28 24.61 -5.21
C TYR B 343 -9.66 23.38 -4.54
N ASP B 344 -10.51 22.48 -4.08
CA ASP B 344 -10.05 21.23 -3.48
C ASP B 344 -9.22 20.43 -4.47
N ALA B 345 -9.62 20.43 -5.74
CA ALA B 345 -8.87 19.70 -6.77
C ALA B 345 -7.44 20.22 -6.91
N LEU B 346 -7.29 21.53 -6.94
CA LEU B 346 -5.97 22.12 -7.06
C LEU B 346 -5.12 21.82 -5.81
N LYS B 347 -5.73 21.96 -4.65
CA LYS B 347 -5.06 21.68 -3.39
C LYS B 347 -4.55 20.23 -3.37
N TYR B 348 -5.40 19.29 -3.75
CA TYR B 348 -4.99 17.91 -3.93
C TYR B 348 -3.80 17.80 -4.87
N PHE B 349 -3.87 18.46 -6.02
CA PHE B 349 -2.76 18.38 -6.96
C PHE B 349 -1.43 18.83 -6.37
N LEU B 350 -1.43 19.95 -5.65
CA LEU B 350 -0.18 20.49 -5.13
C LEU B 350 0.42 19.61 -4.03
N LEU B 351 -0.46 18.96 -3.27
CA LEU B 351 -0.02 18.14 -2.16
C LEU B 351 0.31 16.74 -2.60
N ARG B 352 -0.26 16.32 -3.72
CA ARG B 352 -0.11 14.94 -4.18
C ARG B 352 1.03 14.82 -5.21
N GLU B 353 1.17 15.84 -6.06
CA GLU B 353 2.12 15.78 -7.18
C GLU B 353 3.58 15.73 -6.72
N SER B 354 3.91 16.44 -5.65
CA SER B 354 5.27 16.44 -5.18
C SER B 354 5.34 16.31 -3.67
N GLY B 355 6.43 15.72 -3.20
CA GLY B 355 6.76 15.73 -1.80
C GLY B 355 7.65 16.92 -1.46
N PHE B 356 8.03 17.02 -0.19
CA PHE B 356 8.79 18.16 0.29
C PHE B 356 10.25 18.06 -0.10
N SER B 357 10.69 16.91 -0.59
CA SER B 357 12.06 16.74 -1.07
C SER B 357 12.22 17.26 -2.49
N ASP B 358 11.12 17.37 -3.22
CA ASP B 358 11.18 17.68 -4.63
C ASP B 358 10.68 19.09 -4.89
N ASP B 359 11.16 19.67 -6.00
CA ASP B 359 10.64 20.90 -6.53
C ASP B 359 9.55 20.54 -7.50
N GLY B 360 8.30 20.66 -7.05
CA GLY B 360 7.13 20.31 -7.87
C GLY B 360 7.05 21.01 -9.20
N ASP B 361 6.32 20.41 -10.14
CA ASP B 361 6.09 20.99 -11.47
C ASP B 361 4.59 20.91 -11.79
N TYR B 362 3.98 22.04 -12.10
CA TYR B 362 2.58 22.08 -12.52
C TYR B 362 2.48 22.00 -14.04
N SER B 363 1.39 21.43 -14.52
CA SER B 363 0.94 21.59 -15.90
C SER B 363 -0.54 21.23 -15.97
N ASP B 364 -1.26 21.85 -16.90
CA ASP B 364 -2.67 21.55 -17.07
C ASP B 364 -2.90 20.07 -17.41
N LYS B 365 -1.96 19.49 -18.15
CA LYS B 365 -2.01 18.09 -18.54
C LYS B 365 -2.07 17.17 -17.32
N ASN B 366 -1.08 17.29 -16.45
CA ASN B 366 -0.99 16.49 -15.22
C ASN B 366 -2.08 16.77 -14.21
N MET B 367 -2.50 18.04 -14.13
CA MET B 367 -3.60 18.45 -13.26
C MET B 367 -4.86 17.70 -13.64
N ILE B 368 -5.16 17.72 -14.94
CA ILE B 368 -6.31 17.03 -15.50
C ILE B 368 -6.19 15.52 -15.30
N ALA B 369 -4.98 15.00 -15.54
CA ALA B 369 -4.72 13.57 -15.36
C ALA B 369 -5.04 13.10 -13.94
N ARG B 370 -4.61 13.85 -12.94
CA ARG B 370 -4.90 13.50 -11.55
C ARG B 370 -6.35 13.77 -11.18
N LEU B 371 -6.93 14.81 -11.76
CA LEU B 371 -8.31 15.16 -11.47
C LEU B 371 -9.24 14.05 -11.99
N ASN B 372 -8.98 13.59 -13.21
CA ASN B 372 -9.81 12.57 -13.85
C ASN B 372 -9.54 11.18 -13.32
N GLY B 373 -8.26 10.85 -13.14
CA GLY B 373 -7.85 9.50 -12.73
C GLY B 373 -8.10 9.19 -11.27
N GLU B 374 -7.79 10.14 -10.39
CA GLU B 374 -7.84 9.88 -8.95
C GLU B 374 -9.10 10.43 -8.29
N LEU B 375 -9.37 11.72 -8.49
CA LEU B 375 -10.53 12.37 -7.87
C LEU B 375 -11.87 11.93 -8.45
N ALA B 376 -11.97 11.86 -9.78
CA ALA B 376 -13.19 11.42 -10.44
C ALA B 376 -13.29 9.89 -10.54
N ASP B 377 -12.34 9.25 -11.22
CA ASP B 377 -12.39 7.81 -11.46
C ASP B 377 -12.29 6.95 -10.21
N THR B 378 -11.48 7.36 -9.24
CA THR B 378 -11.27 6.53 -8.06
C THR B 378 -12.22 6.94 -6.95
N LEU B 379 -12.16 8.19 -6.53
CA LEU B 379 -12.94 8.64 -5.38
C LEU B 379 -14.39 8.88 -5.78
N GLY B 380 -14.61 9.78 -6.73
CA GLY B 380 -15.96 10.19 -7.12
C GLY B 380 -16.82 9.05 -7.62
N ASN B 381 -16.28 8.28 -8.55
CA ASN B 381 -16.93 7.10 -9.11
C ASN B 381 -17.42 6.19 -8.00
N LEU B 382 -16.56 5.99 -7.00
CA LEU B 382 -16.87 5.08 -5.91
C LEU B 382 -17.97 5.66 -5.05
N VAL B 383 -17.92 6.97 -4.83
CA VAL B 383 -18.91 7.64 -3.99
C VAL B 383 -20.30 7.50 -4.57
N MET B 384 -20.41 7.60 -5.89
CA MET B 384 -21.69 7.52 -6.58
C MET B 384 -22.19 6.08 -6.57
N ARG B 385 -21.31 5.13 -6.85
CA ARG B 385 -21.67 3.70 -6.84
C ARG B 385 -22.35 3.26 -5.56
N CYS B 386 -21.82 3.66 -4.41
CA CYS B 386 -22.39 3.19 -3.16
C CYS B 386 -23.59 4.03 -2.65
N THR B 387 -23.86 5.15 -3.31
CA THR B 387 -25.07 5.97 -3.04
C THR B 387 -26.11 5.91 -4.14
N SER B 388 -25.82 5.12 -5.18
CA SER B 388 -26.69 4.89 -6.33
C SER B 388 -28.07 4.35 -5.94
N ALA B 389 -29.10 4.79 -6.65
CA ALA B 389 -30.45 4.24 -6.45
C ALA B 389 -30.54 2.76 -6.88
N LYS B 390 -29.77 2.40 -7.90
CA LYS B 390 -29.75 1.01 -8.41
C LYS B 390 -29.24 0.04 -7.37
N ILE B 391 -28.06 0.36 -6.83
CA ILE B 391 -27.32 -0.52 -5.94
C ILE B 391 -27.85 -0.42 -4.51
N ASN B 392 -28.04 0.81 -4.04
CA ASN B 392 -28.55 1.07 -2.71
C ASN B 392 -30.04 1.42 -2.79
N VAL B 393 -30.88 0.39 -2.81
CA VAL B 393 -32.30 0.58 -3.09
C VAL B 393 -33.04 1.28 -1.95
N ASN B 394 -32.67 1.00 -0.70
CA ASN B 394 -33.35 1.59 0.46
C ASN B 394 -32.77 2.90 1.00
N GLY B 395 -31.79 3.47 0.29
CA GLY B 395 -31.13 4.71 0.68
C GLY B 395 -30.73 4.75 2.14
N GLU B 396 -29.96 3.75 2.55
CA GLU B 396 -29.52 3.65 3.94
C GLU B 396 -28.28 2.78 4.09
N TRP B 397 -27.67 2.84 5.27
CA TRP B 397 -26.55 1.97 5.62
C TRP B 397 -27.11 0.62 6.01
N PRO B 398 -26.73 -0.44 5.27
CA PRO B 398 -27.35 -1.72 5.61
C PRO B 398 -26.66 -2.42 6.77
N SER B 399 -27.38 -3.37 7.34
CA SER B 399 -26.90 -4.18 8.44
C SER B 399 -26.19 -5.40 7.82
N PRO B 400 -24.86 -5.48 7.98
CA PRO B 400 -24.15 -6.52 7.24
C PRO B 400 -24.44 -7.91 7.77
N ALA B 401 -24.31 -8.91 6.91
CA ALA B 401 -24.38 -10.32 7.31
C ALA B 401 -22.96 -10.82 7.60
N ALA B 402 -22.71 -12.13 7.53
CA ALA B 402 -21.39 -12.66 7.91
C ALA B 402 -20.32 -12.23 6.92
N TYR B 403 -19.13 -11.97 7.43
CA TYR B 403 -18.01 -11.56 6.62
C TYR B 403 -17.26 -12.76 6.05
N THR B 404 -16.84 -12.64 4.82
CA THR B 404 -15.96 -13.64 4.17
C THR B 404 -14.51 -13.23 4.43
N GLU B 405 -13.57 -14.11 4.10
CA GLU B 405 -12.16 -13.72 4.21
C GLU B 405 -11.86 -12.53 3.33
N GLU B 406 -12.50 -12.44 2.18
CA GLU B 406 -12.27 -11.30 1.31
C GLU B 406 -12.77 -9.99 1.96
N ASP B 407 -13.96 -10.03 2.54
CA ASP B 407 -14.47 -8.91 3.34
C ASP B 407 -13.47 -8.53 4.43
N GLU B 408 -13.02 -9.51 5.20
CA GLU B 408 -12.10 -9.26 6.30
C GLU B 408 -10.81 -8.60 5.82
N SER B 409 -10.35 -8.98 4.64
CA SER B 409 -9.10 -8.43 4.13
C SER B 409 -9.26 -6.95 3.79
N LEU B 410 -10.42 -6.54 3.28
CA LEU B 410 -10.66 -5.14 2.96
C LEU B 410 -10.88 -4.33 4.23
N ILE B 411 -11.63 -4.93 5.15
CA ILE B 411 -11.89 -4.34 6.45
C ILE B 411 -10.61 -4.08 7.21
N GLN B 412 -9.63 -4.96 7.08
CA GLN B 412 -8.37 -4.77 7.78
C GLN B 412 -7.69 -3.52 7.24
N LEU B 413 -7.68 -3.38 5.91
CA LEU B 413 -7.02 -2.26 5.26
C LEU B 413 -7.62 -0.98 5.78
N ILE B 414 -8.94 -0.97 5.96
CA ILE B 414 -9.66 0.19 6.46
C ILE B 414 -9.35 0.45 7.92
N LYS B 415 -9.35 -0.61 8.74
CA LYS B 415 -8.94 -0.47 10.14
C LYS B 415 -7.53 0.09 10.30
N ASP B 416 -6.62 -0.29 9.40
CA ASP B 416 -5.22 0.07 9.53
C ASP B 416 -4.93 1.48 9.01
N LEU B 417 -5.82 1.98 8.16
CA LEU B 417 -5.57 3.21 7.47
C LEU B 417 -5.34 4.42 8.38
N PRO B 418 -6.20 4.60 9.41
CA PRO B 418 -6.01 5.77 10.27
C PRO B 418 -4.62 5.85 10.89
N GLY B 419 -4.13 4.74 11.41
CA GLY B 419 -2.84 4.71 12.07
C GLY B 419 -1.71 4.96 11.10
N THR B 420 -1.85 4.45 9.88
CA THR B 420 -0.86 4.70 8.83
C THR B 420 -0.87 6.19 8.46
N ALA B 421 -2.08 6.70 8.20
CA ALA B 421 -2.25 8.08 7.79
C ALA B 421 -1.76 9.03 8.87
N ASP B 422 -2.08 8.71 10.13
CA ASP B 422 -1.65 9.53 11.26
C ASP B 422 -0.12 9.68 11.36
N HIS B 423 0.62 8.58 11.21
CA HIS B 423 2.09 8.66 11.21
C HIS B 423 2.60 9.56 10.11
N TYR B 424 2.05 9.41 8.91
CA TYR B 424 2.44 10.25 7.79
C TYR B 424 2.14 11.72 8.05
N TYR B 425 0.93 12.02 8.53
CA TYR B 425 0.56 13.40 8.84
C TYR B 425 1.52 14.00 9.89
N LEU B 426 1.97 13.17 10.82
CA LEU B 426 2.83 13.65 11.89
C LEU B 426 4.30 13.81 11.53
N ILE B 427 4.74 13.32 10.38
CA ILE B 427 6.16 13.37 10.04
C ILE B 427 6.68 14.80 9.85
N PRO B 428 5.97 15.65 9.06
CA PRO B 428 4.81 15.42 8.20
C PRO B 428 5.20 15.05 6.78
N ASP B 429 4.38 14.20 6.16
CA ASP B 429 4.56 13.83 4.77
C ASP B 429 3.18 13.65 4.22
N ILE B 430 2.65 14.73 3.66
CA ILE B 430 1.26 14.75 3.27
C ILE B 430 1.06 13.97 1.99
N GLN B 431 2.07 13.93 1.13
CA GLN B 431 1.98 13.18 -0.09
C GLN B 431 1.72 11.70 0.25
N LYS B 432 2.51 11.15 1.17
CA LYS B 432 2.32 9.76 1.58
C LYS B 432 0.96 9.52 2.25
N ALA B 433 0.51 10.46 3.07
CA ALA B 433 -0.79 10.30 3.72
C ALA B 433 -1.86 10.14 2.66
N ILE B 434 -1.76 10.94 1.61
CA ILE B 434 -2.73 10.89 0.53
C ILE B 434 -2.70 9.54 -0.20
N ILE B 435 -1.50 9.06 -0.51
CA ILE B 435 -1.32 7.82 -1.25
C ILE B 435 -1.86 6.68 -0.44
N ALA B 436 -1.55 6.68 0.85
CA ALA B 436 -2.05 5.63 1.71
C ALA B 436 -3.57 5.58 1.64
N VAL B 437 -4.22 6.73 1.70
CA VAL B 437 -5.67 6.74 1.61
C VAL B 437 -6.11 6.21 0.28
N PHE B 438 -5.44 6.64 -0.79
CA PHE B 438 -5.86 6.23 -2.09
C PHE B 438 -5.58 4.76 -2.37
N ASP B 439 -4.57 4.19 -1.72
CA ASP B 439 -4.35 2.75 -1.83
C ASP B 439 -5.61 2.03 -1.38
N VAL B 440 -6.20 2.51 -0.29
CA VAL B 440 -7.40 1.90 0.24
C VAL B 440 -8.58 2.13 -0.70
N LEU B 441 -8.69 3.34 -1.23
CA LEU B 441 -9.75 3.62 -2.22
C LEU B 441 -9.67 2.67 -3.41
N ARG B 442 -8.48 2.49 -3.97
CA ARG B 442 -8.28 1.51 -5.03
C ARG B 442 -8.75 0.13 -4.60
N ALA B 443 -8.41 -0.27 -3.38
CA ALA B 443 -8.78 -1.60 -2.90
C ALA B 443 -10.30 -1.74 -2.79
N ILE B 444 -10.97 -0.68 -2.35
CA ILE B 444 -12.42 -0.69 -2.22
C ILE B 444 -13.06 -0.84 -3.58
N ASN B 445 -12.57 -0.09 -4.57
CA ASN B 445 -13.02 -0.25 -5.96
C ASN B 445 -12.85 -1.65 -6.52
N ALA B 446 -11.68 -2.23 -6.28
CA ALA B 446 -11.40 -3.61 -6.69
C ALA B 446 -12.43 -4.56 -6.10
N TYR B 447 -12.66 -4.42 -4.79
CA TYR B 447 -13.66 -5.21 -4.06
C TYR B 447 -15.04 -5.08 -4.67
N VAL B 448 -15.46 -3.85 -4.91
CA VAL B 448 -16.76 -3.60 -5.52
C VAL B 448 -16.85 -4.23 -6.91
N THR B 449 -15.79 -4.10 -7.69
CA THR B 449 -15.77 -4.68 -9.02
C THR B 449 -15.90 -6.21 -8.92
N ASP B 450 -15.16 -6.82 -8.01
CA ASP B 450 -15.26 -8.26 -7.79
C ASP B 450 -16.62 -8.69 -7.28
N MET B 451 -17.23 -7.91 -6.39
CA MET B 451 -18.51 -8.33 -5.81
C MET B 451 -19.69 -7.99 -6.70
N ALA B 452 -19.49 -7.11 -7.68
CA ALA B 452 -20.54 -6.71 -8.63
C ALA B 452 -21.92 -6.53 -7.98
N PRO B 453 -22.03 -5.58 -7.02
CA PRO B 453 -23.25 -5.42 -6.22
C PRO B 453 -24.50 -5.07 -7.03
N TRP B 454 -24.32 -4.48 -8.20
CA TRP B 454 -25.44 -4.23 -9.13
C TRP B 454 -26.20 -5.51 -9.49
N LYS B 455 -25.49 -6.62 -9.59
CA LYS B 455 -26.10 -7.94 -9.82
C LYS B 455 -26.71 -8.54 -8.55
N LEU B 456 -26.10 -8.23 -7.41
CA LEU B 456 -26.55 -8.77 -6.13
C LEU B 456 -27.94 -8.29 -5.70
N VAL B 457 -28.38 -7.12 -6.19
CA VAL B 457 -29.74 -6.64 -5.90
C VAL B 457 -30.80 -7.67 -6.28
N LYS B 458 -30.59 -8.36 -7.41
CA LYS B 458 -31.49 -9.42 -7.88
C LYS B 458 -31.09 -10.77 -7.29
N THR B 459 -29.81 -11.12 -7.44
CA THR B 459 -29.29 -12.42 -7.03
C THR B 459 -29.39 -12.70 -5.53
N ASP B 460 -28.89 -11.79 -4.69
CA ASP B 460 -28.60 -12.10 -3.30
C ASP B 460 -28.63 -10.84 -2.44
N PRO B 461 -29.83 -10.42 -2.00
CA PRO B 461 -29.92 -9.15 -1.28
C PRO B 461 -29.17 -9.18 0.06
N GLU B 462 -29.18 -10.33 0.73
CA GLU B 462 -28.49 -10.48 2.01
C GLU B 462 -27.00 -10.21 1.84
N ARG B 463 -26.39 -10.79 0.81
CA ARG B 463 -24.98 -10.54 0.55
C ARG B 463 -24.70 -9.07 0.22
N LEU B 464 -25.58 -8.45 -0.57
CA LEU B 464 -25.44 -7.04 -0.93
C LEU B 464 -25.30 -6.18 0.31
N ARG B 465 -26.09 -6.49 1.34
CA ARG B 465 -26.03 -5.79 2.60
C ARG B 465 -24.62 -5.77 3.17
N THR B 466 -23.93 -6.89 3.09
CA THR B 466 -22.57 -6.95 3.59
C THR B 466 -21.64 -6.10 2.72
N VAL B 467 -21.71 -6.28 1.41
CA VAL B 467 -20.80 -5.59 0.51
C VAL B 467 -20.98 -4.08 0.59
N LEU B 468 -22.23 -3.68 0.71
CA LEU B 468 -22.57 -2.28 0.69
C LEU B 468 -22.15 -1.62 1.98
N TYR B 469 -22.39 -2.27 3.11
CA TYR B 469 -21.97 -1.73 4.39
C TYR B 469 -20.47 -1.46 4.42
N ILE B 470 -19.68 -2.43 3.96
CA ILE B 470 -18.23 -2.33 4.00
C ILE B 470 -17.76 -1.18 3.11
N THR B 471 -18.40 -1.03 1.96
CA THR B 471 -18.03 0.01 1.02
C THR B 471 -18.30 1.39 1.61
N LEU B 472 -19.52 1.58 2.10
CA LEU B 472 -19.92 2.82 2.71
C LEU B 472 -18.96 3.23 3.84
N GLU B 473 -18.63 2.27 4.69
CA GLU B 473 -17.79 2.55 5.84
C GLU B 473 -16.36 2.84 5.37
N GLY B 474 -15.91 2.12 4.37
CA GLY B 474 -14.59 2.39 3.78
C GLY B 474 -14.51 3.78 3.19
N VAL B 475 -15.55 4.17 2.47
CA VAL B 475 -15.63 5.51 1.91
C VAL B 475 -15.65 6.57 3.01
N ARG B 476 -16.33 6.29 4.12
CA ARG B 476 -16.44 7.27 5.19
C ARG B 476 -15.07 7.53 5.79
N VAL B 477 -14.35 6.46 6.07
CA VAL B 477 -13.08 6.55 6.80
C VAL B 477 -12.00 7.19 5.95
N THR B 478 -11.96 6.82 4.67
CA THR B 478 -11.04 7.45 3.75
C THR B 478 -11.36 8.92 3.61
N THR B 479 -12.65 9.24 3.48
CA THR B 479 -13.07 10.63 3.31
C THR B 479 -12.65 11.46 4.52
N LEU B 480 -12.89 10.89 5.71
CA LEU B 480 -12.52 11.53 6.97
C LEU B 480 -11.03 11.90 6.98
N LEU B 481 -10.18 10.94 6.65
CA LEU B 481 -8.74 11.17 6.63
C LEU B 481 -8.28 12.05 5.46
N LEU B 482 -9.10 12.16 4.43
CA LEU B 482 -8.82 13.08 3.33
C LEU B 482 -9.39 14.48 3.55
N SER B 483 -10.23 14.67 4.56
CA SER B 483 -10.93 15.94 4.68
C SER B 483 -10.01 17.13 4.90
N PRO B 484 -8.83 16.91 5.50
CA PRO B 484 -7.90 18.05 5.53
C PRO B 484 -7.39 18.47 4.14
N ILE B 485 -7.43 17.55 3.19
CA ILE B 485 -6.96 17.80 1.84
C ILE B 485 -8.08 18.35 0.95
N LEU B 486 -9.30 17.87 1.15
CA LEU B 486 -10.47 18.29 0.39
C LEU B 486 -11.58 18.72 1.36
N PRO B 487 -11.38 19.85 2.03
CA PRO B 487 -12.32 20.26 3.08
C PRO B 487 -13.77 20.48 2.63
N ARG B 488 -13.97 20.94 1.41
CA ARG B 488 -15.32 21.17 0.87
C ARG B 488 -15.96 19.91 0.36
N LYS B 489 -15.26 19.23 -0.54
CA LYS B 489 -15.80 18.03 -1.19
C LYS B 489 -16.10 16.94 -0.17
N SER B 490 -15.31 16.83 0.89
CA SER B 490 -15.56 15.86 1.94
C SER B 490 -16.88 16.12 2.66
N VAL B 491 -17.22 17.39 2.82
CA VAL B 491 -18.52 17.73 3.35
C VAL B 491 -19.60 17.24 2.38
N VAL B 492 -19.43 17.49 1.08
CA VAL B 492 -20.38 16.99 0.09
C VAL B 492 -20.52 15.46 0.20
N ILE B 493 -19.40 14.77 0.32
CA ILE B 493 -19.41 13.32 0.39
C ILE B 493 -20.17 12.87 1.63
N PHE B 494 -19.81 13.40 2.80
CA PHE B 494 -20.52 13.05 4.01
C PHE B 494 -22.03 13.35 3.90
N ASP B 495 -22.41 14.44 3.25
CA ASP B 495 -23.84 14.73 3.06
C ASP B 495 -24.52 13.62 2.25
N MET B 496 -23.90 13.20 1.15
CA MET B 496 -24.45 12.09 0.34
C MET B 496 -24.59 10.81 1.17
N LEU B 497 -23.55 10.47 1.92
CA LEU B 497 -23.55 9.25 2.74
C LEU B 497 -24.49 9.34 3.93
N GLY B 498 -24.96 10.54 4.23
CA GLY B 498 -25.83 10.77 5.38
C GLY B 498 -25.12 10.63 6.72
N VAL B 499 -23.81 10.90 6.76
CA VAL B 499 -23.05 10.76 8.00
C VAL B 499 -23.40 11.92 8.93
N PRO B 500 -23.85 11.61 10.16
CA PRO B 500 -24.10 12.68 11.11
C PRO B 500 -22.85 13.50 11.41
N GLU B 501 -23.04 14.79 11.69
CA GLU B 501 -21.95 15.71 12.00
C GLU B 501 -21.00 15.15 13.05
N VAL B 502 -21.60 14.58 14.09
CA VAL B 502 -20.84 14.09 15.23
C VAL B 502 -19.77 13.10 14.78
N HIS B 503 -20.04 12.31 13.74
CA HIS B 503 -19.09 11.30 13.25
C HIS B 503 -18.15 11.80 12.13
N ARG B 504 -18.13 13.10 11.87
CA ARG B 504 -17.28 13.68 10.81
C ARG B 504 -15.97 14.25 11.38
N LYS B 505 -15.81 14.10 12.70
CA LYS B 505 -14.76 14.73 13.45
C LYS B 505 -14.39 13.75 14.58
N GLY B 506 -13.13 13.73 15.00
CA GLY B 506 -12.76 13.06 16.25
C GLY B 506 -12.08 11.72 16.07
N ILE B 507 -10.94 11.55 16.73
CA ILE B 507 -10.14 10.34 16.65
C ILE B 507 -10.93 9.07 16.91
N GLU B 508 -11.94 9.15 17.77
CA GLU B 508 -12.79 7.98 18.07
C GLU B 508 -13.55 7.51 16.83
N ASN B 509 -13.89 8.42 15.92
CA ASN B 509 -14.54 8.08 14.64
C ASN B 509 -13.62 7.66 13.50
N PHE B 510 -12.33 7.53 13.78
CA PHE B 510 -11.42 6.90 12.84
C PHE B 510 -11.74 5.40 12.78
N GLU B 511 -12.32 4.87 13.86
CA GLU B 511 -12.60 3.45 13.98
C GLU B 511 -13.70 2.94 13.04
N PHE B 512 -13.43 1.77 12.48
CA PHE B 512 -14.35 1.03 11.66
C PHE B 512 -15.66 0.80 12.40
N GLY B 513 -16.75 1.10 11.71
CA GLY B 513 -18.08 0.83 12.22
C GLY B 513 -18.64 1.85 13.17
N ALA B 514 -18.25 3.12 13.02
CA ALA B 514 -18.77 4.18 13.87
C ALA B 514 -20.12 4.72 13.43
N VAL B 515 -20.57 4.35 12.23
CA VAL B 515 -21.89 4.77 11.78
C VAL B 515 -22.80 3.57 11.74
N PRO B 516 -23.85 3.58 12.58
CA PRO B 516 -24.70 2.40 12.73
C PRO B 516 -25.57 2.12 11.53
N PRO B 517 -25.75 0.83 11.20
CA PRO B 517 -26.74 0.46 10.20
C PRO B 517 -28.09 1.11 10.50
N GLY B 518 -28.83 1.43 9.44
CA GLY B 518 -30.13 2.10 9.58
C GLY B 518 -30.01 3.58 9.27
N THR B 519 -28.82 4.13 9.44
CA THR B 519 -28.54 5.50 9.07
C THR B 519 -28.99 5.76 7.64
N ARG B 520 -29.67 6.88 7.44
CA ARG B 520 -30.30 7.18 6.17
C ARG B 520 -29.34 8.00 5.32
N LEU B 521 -29.29 7.74 4.03
CA LEU B 521 -28.47 8.55 3.11
C LEU B 521 -29.05 9.94 2.96
N GLY B 522 -28.22 10.87 2.53
CA GLY B 522 -28.70 12.19 2.18
C GLY B 522 -29.45 12.09 0.86
N PRO B 523 -30.36 13.03 0.60
CA PRO B 523 -31.11 12.96 -0.66
C PRO B 523 -30.19 13.22 -1.86
N ALA B 524 -30.49 12.58 -2.98
CA ALA B 524 -29.72 12.79 -4.21
C ALA B 524 -30.22 14.05 -4.92
N VAL B 525 -29.46 14.49 -5.92
CA VAL B 525 -29.87 15.61 -6.79
C VAL B 525 -29.79 15.14 -8.25
N GLU B 526 -30.76 15.57 -9.07
CA GLU B 526 -30.90 15.08 -10.45
C GLU B 526 -29.72 15.46 -11.36
N GLY B 527 -28.68 14.63 -11.36
CA GLY B 527 -27.53 14.80 -12.26
C GLY B 527 -26.30 15.47 -11.65
N GLU B 528 -26.17 15.38 -10.32
CA GLU B 528 -25.02 15.98 -9.62
C GLU B 528 -23.76 15.13 -9.77
N VAL B 529 -22.61 15.80 -9.74
CA VAL B 529 -21.30 15.12 -9.78
C VAL B 529 -20.37 15.71 -8.74
N LEU B 530 -19.44 14.87 -8.28
CA LEU B 530 -18.50 15.26 -7.25
C LEU B 530 -17.32 15.99 -7.89
N PHE B 531 -16.76 15.38 -8.92
CA PHE B 531 -15.66 15.97 -9.67
C PHE B 531 -15.90 15.80 -11.15
N SER B 532 -16.13 16.90 -11.85
CA SER B 532 -16.36 16.86 -13.30
C SER B 532 -15.05 16.54 -14.01
N LYS B 533 -15.08 15.54 -14.88
CA LYS B 533 -13.93 15.21 -15.72
C LYS B 533 -13.77 16.29 -16.79
N ARG B 534 -12.56 16.44 -17.33
CA ARG B 534 -12.25 17.50 -18.30
C ARG B 534 -11.54 17.05 -19.58
N SER B 535 -11.52 17.94 -20.57
CA SER B 535 -11.05 17.67 -21.94
C SER B 535 -9.63 17.11 -22.02
N THR B 536 -9.33 16.43 -23.14
CA THR B 536 -8.06 15.71 -23.32
C THR B 536 -6.98 16.55 -24.05
C1 GOL C . 2.96 -4.91 -13.15
O1 GOL C . 3.83 -5.43 -12.14
C2 GOL C . 1.57 -4.68 -12.52
O2 GOL C . 1.70 -4.72 -11.10
C3 GOL C . 0.54 -5.70 -12.99
O3 GOL C . 0.42 -6.74 -12.01
C1 GOL D . -25.58 -53.61 -7.93
O1 GOL D . -26.65 -54.56 -7.96
C2 GOL D . -26.13 -52.20 -8.14
O2 GOL D . -27.41 -52.06 -7.54
C3 GOL D . -25.19 -51.19 -7.50
O3 GOL D . -25.92 -49.96 -7.46
S DMS E . -23.93 -32.00 -17.24
O DMS E . -22.65 -31.26 -17.32
C1 DMS E . -24.76 -31.53 -15.82
C2 DMS E . -24.97 -31.47 -18.52
S DMS F . -19.77 -24.19 -15.08
O DMS F . -20.02 -23.83 -13.67
C1 DMS F . -21.00 -25.25 -15.64
C2 DMS F . -20.07 -22.83 -16.08
S DMS G . -23.97 -27.22 -15.83
O DMS G . -23.71 -28.59 -15.32
C1 DMS G . -23.22 -27.00 -17.35
C2 DMS G . -25.63 -27.07 -16.22
S SO4 H . 9.31 -23.14 3.95
O1 SO4 H . 9.55 -24.37 4.74
O2 SO4 H . 8.59 -23.49 2.70
O3 SO4 H . 10.62 -22.48 3.65
O4 SO4 H . 8.43 -22.23 4.70
N MET I . -8.11 -35.67 -14.11
CA MET I . -8.77 -34.36 -14.22
C MET I . -7.94 -33.42 -15.09
O MET I . -6.77 -33.67 -15.39
CB MET I . -8.96 -33.72 -12.83
CG MET I . -9.58 -34.60 -11.75
SD MET I . -9.60 -33.81 -10.12
CE MET I . -10.68 -34.90 -9.20
OXT MET I . -8.43 -32.37 -15.50
C1 GOL J . 11.55 35.59 27.51
O1 GOL J . 12.13 36.57 28.36
C2 GOL J . 10.30 36.18 26.91
O2 GOL J . 10.69 37.22 26.02
C3 GOL J . 9.51 35.12 26.14
O3 GOL J . 8.11 35.43 26.06
C1 GOL K . 3.33 7.86 -8.37
O1 GOL K . 3.98 8.30 -7.17
C2 GOL K . 3.05 9.14 -9.13
O2 GOL K . 4.28 9.66 -9.56
C3 GOL K . 2.19 8.85 -10.34
O3 GOL K . 0.83 9.08 -9.95
S DMS L . 17.66 38.17 4.23
O DMS L . 16.58 37.32 3.68
C1 DMS L . 19.07 38.11 3.28
C2 DMS L . 17.21 39.81 4.05
S DMS M . -8.51 32.87 7.04
O DMS M . -9.08 31.95 8.05
C1 DMS M . -7.25 32.09 6.18
C2 DMS M . -9.65 33.16 5.80
S SO4 N . -12.38 20.10 7.74
O1 SO4 N . -13.10 19.68 6.50
O2 SO4 N . -12.12 18.91 8.57
O3 SO4 N . -13.23 21.05 8.50
O4 SO4 N . -11.05 20.70 7.44
O 2EJ O . 14.19 42.37 5.42
C 2EJ O . 13.17 41.85 5.87
N2 2EJ O . 12.62 42.27 7.05
C13 2EJ O . 13.17 43.25 7.91
C16 2EJ O . 12.61 43.40 9.22
C15 2EJ O . 13.21 44.34 9.95
S 2EJ O . 14.49 45.06 9.09
C14 2EJ O . 14.21 44.11 7.71
N 2EJ O . 12.53 40.87 5.22
C1 2EJ O . 13.03 40.33 3.95
C2 2EJ O . 12.28 39.11 3.50
C3 2EJ O . 12.83 37.83 4.05
N1 2EJ O . 11.82 36.77 4.12
C4 2EJ O . 12.34 35.44 4.46
C5 2EJ O . 12.40 35.29 5.95
C10 2EJ O . 11.30 34.88 6.66
C9 2EJ O . 11.40 34.74 8.04
C11 2EJ O . 10.31 34.30 8.76
C12 2EJ O . 9.42 33.93 9.40
C8 2EJ O . 12.58 35.03 8.71
C7 2EJ O . 13.66 35.45 7.99
C6 2EJ O . 13.58 35.58 6.61
#